data_9JLT
#
_entry.id   9JLT
#
_cell.length_a   61.446
_cell.length_b   41.497
_cell.length_c   195.485
_cell.angle_alpha   90.00
_cell.angle_beta   96.46
_cell.angle_gamma   90.00
#
_symmetry.space_group_name_H-M   'P 1 2 1'
#
loop_
_entity.id
_entity.type
_entity.pdbx_description
1 polymer 'Glycoside hydrolase family 57 N-terminal domain-containing protein'
2 branched Cyclohexakis-(1-4)-(alpha-D-glucopyranose)
3 non-polymer GLYCEROL
4 water water
#
_entity_poly.entity_id   1
_entity_poly.type   'polypeptide(L)'
_entity_poly.pdbx_seq_one_letter_code
;MKKLFLVFWWHMHQPLYREPYTGEYLLPWTFFHAVKDYYDMPAYLKDFEIKLNFNLTPVLIDQIQEYAQGKAKDVFLEAI
RKDPDDLEKEEVEKLIEFTKLNYEKPIYRFERIRELMNKEKLNREELLDLQTLNLLAWCGRTLRKDLKDLLNKGRNYTQE
EKEYVLNKYFEIIKKTLSIYREIKEEGKGSVSTSPYYHPLIPILLNPNCVYETTPNVKIPDFAVSFREDASKHVELAKEK
YFEIFGEHPVYMWPPEASVSNEALELYYEKGINMLATDEVILKNSVERASPYLRYYFRELISVFFRDKTLSDLIGFSYHA
WNAEDAVRDFIGRLKKIHESVDFQPVVFVVLNGENCWEYYEENGIPFLEKLYSTLEKEEWIETLTLEEAMRKEDVKTEVI
ESVKAGTWFDGNFLKWIGNKEKNEYWKILIEAKKKAKNDYILVAEGSDWFWWQGEEKAPFVEVFDKLFRSFVRRAQE
;
_entity_poly.pdbx_strand_id   A,B
#
# COMPACT_ATOMS: atom_id res chain seq x y z
N LYS A 2 -3.94 18.11 -10.08
CA LYS A 2 -2.95 18.69 -9.17
C LYS A 2 -2.18 17.59 -8.47
N LYS A 3 -0.86 17.55 -8.68
CA LYS A 3 -0.03 16.52 -8.12
C LYS A 3 0.79 17.05 -6.95
N LEU A 4 1.24 16.11 -6.13
CA LEU A 4 2.29 16.34 -5.15
C LEU A 4 3.57 15.74 -5.72
N PHE A 5 4.64 16.54 -5.74
CA PHE A 5 5.92 16.11 -6.25
C PHE A 5 6.77 15.69 -5.07
N LEU A 6 7.26 14.46 -5.13
CA LEU A 6 7.99 13.85 -4.04
C LEU A 6 9.39 13.53 -4.53
N VAL A 7 10.40 13.95 -3.79
CA VAL A 7 11.79 13.82 -4.22
C VAL A 7 12.56 13.14 -3.10
N PHE A 8 12.96 11.88 -3.29
CA PHE A 8 13.85 11.19 -2.35
C PHE A 8 15.28 11.49 -2.73
N TRP A 9 16.10 11.86 -1.75
CA TRP A 9 17.53 12.05 -1.99
C TRP A 9 18.28 11.33 -0.87
N TRP A 10 18.81 10.14 -1.20
CA TRP A 10 19.50 9.26 -0.26
C TRP A 10 20.98 9.57 -0.27
N HIS A 11 21.53 9.94 0.88
CA HIS A 11 22.91 10.42 0.97
C HIS A 11 23.80 9.29 1.47
N MET A 12 24.84 8.95 0.70
CA MET A 12 25.72 7.83 0.98
C MET A 12 27.13 8.36 1.21
N HIS A 13 27.75 7.98 2.33
CA HIS A 13 29.06 8.53 2.63
C HIS A 13 29.77 7.67 3.67
N GLN A 14 31.09 7.55 3.54
CA GLN A 14 31.93 7.00 4.62
C GLN A 14 33.21 7.82 4.63
N PRO A 15 33.73 8.17 5.82
CA PRO A 15 35.06 8.77 5.88
C PRO A 15 36.12 7.75 5.47
N LEU A 16 37.33 8.25 5.21
CA LEU A 16 38.41 7.34 4.79
C LEU A 16 38.89 6.50 5.98
N TYR A 17 38.63 5.18 5.95
CA TYR A 17 39.09 4.32 7.02
C TYR A 17 40.47 3.74 6.76
N ARG A 18 41.08 4.07 5.64
CA ARG A 18 42.37 3.52 5.23
C ARG A 18 43.50 4.30 5.89
N GLU A 19 44.17 3.66 6.83
CA GLU A 19 45.33 4.24 7.50
C GLU A 19 46.45 4.49 6.50
N PRO A 20 47.02 5.69 6.45
CA PRO A 20 47.88 6.03 5.32
C PRO A 20 49.26 5.40 5.38
N TYR A 21 49.75 5.01 6.56
CA TYR A 21 51.09 4.44 6.61
C TYR A 21 51.04 2.94 6.31
N THR A 22 50.07 2.21 6.87
CA THR A 22 49.96 0.77 6.60
C THR A 22 49.03 0.43 5.44
N GLY A 23 48.20 1.37 5.00
CA GLY A 23 47.20 1.07 3.99
C GLY A 23 46.05 0.21 4.48
N GLU A 24 45.94 -0.04 5.78
CA GLU A 24 44.91 -0.94 6.30
C GLU A 24 43.61 -0.17 6.56
N TYR A 25 42.49 -0.77 6.16
CA TYR A 25 41.17 -0.25 6.53
C TYR A 25 40.90 -0.67 7.98
N LEU A 26 40.87 0.31 8.89
CA LEU A 26 40.87 -0.01 10.32
C LEU A 26 39.48 -0.35 10.85
N LEU A 27 38.42 0.00 10.14
CA LEU A 27 37.05 -0.34 10.47
C LEU A 27 36.39 -0.86 9.19
N PRO A 28 35.45 -1.80 9.31
CA PRO A 28 34.87 -2.43 8.11
C PRO A 28 33.61 -1.75 7.61
N TRP A 29 33.34 -0.51 8.04
CA TRP A 29 32.00 0.03 7.79
C TRP A 29 31.74 0.29 6.32
N THR A 30 32.77 0.64 5.54
CA THR A 30 32.53 0.80 4.11
C THR A 30 32.20 -0.55 3.47
N PHE A 31 32.90 -1.61 3.87
CA PHE A 31 32.58 -2.95 3.36
C PHE A 31 31.14 -3.33 3.67
N PHE A 32 30.74 -3.19 4.93
CA PHE A 32 29.43 -3.68 5.31
C PHE A 32 28.31 -2.83 4.73
N HIS A 33 28.49 -1.50 4.67
CA HIS A 33 27.43 -0.73 4.02
C HIS A 33 27.44 -0.86 2.50
N ALA A 34 28.57 -1.24 1.89
CA ALA A 34 28.54 -1.53 0.46
C ALA A 34 27.78 -2.82 0.18
N VAL A 35 28.01 -3.86 0.97
CA VAL A 35 27.31 -5.11 0.68
C VAL A 35 25.84 -5.02 1.11
N LYS A 36 25.52 -4.16 2.08
CA LYS A 36 24.15 -4.13 2.55
C LYS A 36 23.30 -3.07 1.88
N ASP A 37 23.85 -1.87 1.64
CA ASP A 37 23.06 -0.68 1.26
C ASP A 37 23.47 -0.02 -0.05
N TYR A 38 24.77 0.10 -0.36
CA TYR A 38 25.13 1.00 -1.45
C TYR A 38 24.75 0.45 -2.81
N TYR A 39 24.67 -0.87 -2.98
CA TYR A 39 24.12 -1.44 -4.21
C TYR A 39 22.61 -1.57 -4.09
N ASP A 40 22.14 -2.01 -2.92
CA ASP A 40 20.74 -2.43 -2.78
C ASP A 40 19.77 -1.27 -2.75
N MET A 41 20.18 -0.08 -2.28
CA MET A 41 19.26 1.05 -2.29
C MET A 41 18.90 1.48 -3.72
N PRO A 42 19.85 1.75 -4.63
CA PRO A 42 19.45 1.99 -6.03
C PRO A 42 18.82 0.76 -6.68
N ALA A 43 19.18 -0.45 -6.23
CA ALA A 43 18.63 -1.63 -6.87
C ALA A 43 17.13 -1.79 -6.65
N TYR A 44 16.53 -1.07 -5.69
CA TYR A 44 15.07 -1.07 -5.61
C TYR A 44 14.46 -0.57 -6.92
N LEU A 45 15.16 0.30 -7.64
CA LEU A 45 14.65 0.82 -8.91
C LEU A 45 14.52 -0.24 -9.99
N LYS A 46 15.11 -1.43 -9.80
CA LYS A 46 14.86 -2.53 -10.73
C LYS A 46 13.46 -3.11 -10.58
N ASP A 47 12.83 -2.92 -9.41
CA ASP A 47 11.58 -3.56 -9.07
C ASP A 47 10.41 -2.60 -8.90
N PHE A 48 10.66 -1.31 -8.72
CA PHE A 48 9.62 -0.34 -8.44
C PHE A 48 9.73 0.81 -9.42
N GLU A 49 8.61 1.19 -10.03
CA GLU A 49 8.61 2.18 -11.11
C GLU A 49 8.42 3.58 -10.53
N ILE A 50 9.43 3.99 -9.76
CA ILE A 50 9.47 5.32 -9.15
C ILE A 50 10.84 5.92 -9.45
N LYS A 51 11.00 7.19 -9.09
CA LYS A 51 12.29 7.87 -9.15
C LYS A 51 12.88 7.98 -7.74
N LEU A 52 14.17 7.68 -7.63
CA LEU A 52 14.93 7.81 -6.39
C LEU A 52 16.28 8.43 -6.72
N ASN A 53 16.73 9.41 -5.93
CA ASN A 53 18.01 10.07 -6.18
C ASN A 53 19.02 9.73 -5.09
N PHE A 54 20.29 9.87 -5.45
CA PHE A 54 21.39 9.41 -4.60
C PHE A 54 22.52 10.42 -4.59
N ASN A 55 23.13 10.60 -3.42
CA ASN A 55 24.38 11.34 -3.28
C ASN A 55 25.48 10.37 -2.94
N LEU A 56 26.59 10.43 -3.66
CA LEU A 56 27.76 9.62 -3.35
C LEU A 56 28.93 10.55 -3.10
N THR A 57 29.52 10.47 -1.89
CA THR A 57 30.68 11.33 -1.70
C THR A 57 31.90 10.76 -2.43
N PRO A 58 32.83 11.61 -2.88
CA PRO A 58 34.00 11.11 -3.61
C PRO A 58 34.85 10.18 -2.76
N VAL A 59 35.01 10.48 -1.47
CA VAL A 59 35.81 9.61 -0.61
C VAL A 59 35.14 8.24 -0.44
N LEU A 60 33.80 8.18 -0.47
CA LEU A 60 33.15 6.86 -0.50
C LEU A 60 33.43 6.14 -1.81
N ILE A 61 33.30 6.87 -2.93
CA ILE A 61 33.55 6.23 -4.23
C ILE A 61 34.96 5.66 -4.29
N ASP A 62 35.95 6.41 -3.80
CA ASP A 62 37.32 5.91 -3.75
C ASP A 62 37.40 4.56 -3.05
N GLN A 63 36.74 4.43 -1.89
CA GLN A 63 36.87 3.19 -1.13
C GLN A 63 36.10 2.05 -1.79
N ILE A 64 34.93 2.33 -2.36
CA ILE A 64 34.20 1.31 -3.10
C ILE A 64 35.07 0.75 -4.23
N GLN A 65 35.79 1.64 -4.94
CA GLN A 65 36.67 1.19 -6.01
C GLN A 65 37.79 0.30 -5.48
N GLU A 66 38.39 0.68 -4.34
CA GLU A 66 39.49 -0.12 -3.78
C GLU A 66 39.01 -1.51 -3.41
N TYR A 67 37.83 -1.61 -2.80
CA TYR A 67 37.30 -2.94 -2.49
C TYR A 67 36.98 -3.73 -3.74
N ALA A 68 36.36 -3.09 -4.73
CA ALA A 68 35.99 -3.79 -5.96
C ALA A 68 37.22 -4.29 -6.71
N GLN A 69 38.33 -3.57 -6.64
CA GLN A 69 39.56 -3.99 -7.31
C GLN A 69 40.34 -5.01 -6.51
N GLY A 70 39.84 -5.40 -5.33
CA GLY A 70 40.53 -6.35 -4.48
C GLY A 70 41.76 -5.79 -3.81
N LYS A 71 41.86 -4.46 -3.69
CA LYS A 71 43.03 -3.82 -3.10
C LYS A 71 42.84 -3.40 -1.65
N ALA A 72 41.61 -3.41 -1.13
CA ALA A 72 41.37 -2.98 0.24
C ALA A 72 41.86 -4.05 1.23
N LYS A 73 42.75 -3.65 2.12
CA LYS A 73 43.27 -4.51 3.19
C LYS A 73 42.45 -4.18 4.44
N ASP A 74 41.39 -4.94 4.69
CA ASP A 74 40.41 -4.64 5.73
C ASP A 74 40.65 -5.58 6.91
N VAL A 75 41.05 -5.02 8.06
CA VAL A 75 41.53 -5.83 9.17
C VAL A 75 40.41 -6.67 9.79
N PHE A 76 39.22 -6.08 9.99
CA PHE A 76 38.11 -6.87 10.53
C PHE A 76 37.66 -7.94 9.56
N LEU A 77 37.63 -7.63 8.26
CA LEU A 77 37.24 -8.64 7.28
C LEU A 77 38.20 -9.82 7.23
N GLU A 78 39.51 -9.57 7.45
CA GLU A 78 40.45 -10.68 7.53
C GLU A 78 40.12 -11.60 8.70
N ALA A 79 39.66 -11.03 9.81
CA ALA A 79 39.30 -11.85 10.95
C ALA A 79 38.09 -12.70 10.64
N ILE A 80 37.23 -12.26 9.71
CA ILE A 80 36.07 -13.05 9.32
C ILE A 80 36.47 -14.13 8.32
N ARG A 81 37.36 -13.78 7.38
CA ARG A 81 37.68 -14.67 6.27
C ARG A 81 38.49 -15.89 6.72
N LYS A 82 39.44 -15.71 7.64
CA LYS A 82 40.34 -16.76 8.04
C LYS A 82 39.62 -17.98 8.60
N ASP A 83 40.17 -19.16 8.33
CA ASP A 83 39.83 -20.34 9.12
C ASP A 83 40.07 -20.03 10.59
N PRO A 84 39.12 -20.32 11.49
CA PRO A 84 39.34 -19.99 12.91
C PRO A 84 40.65 -20.51 13.47
N ASP A 85 41.13 -21.67 13.01
CA ASP A 85 42.43 -22.18 13.49
C ASP A 85 43.56 -21.21 13.22
N ASP A 86 43.39 -20.32 12.25
CA ASP A 86 44.41 -19.36 11.84
C ASP A 86 44.23 -18.01 12.54
N LEU A 87 43.19 -17.84 13.35
CA LEU A 87 42.94 -16.56 13.99
C LEU A 87 43.98 -16.23 15.05
N GLU A 88 44.43 -14.97 15.04
CA GLU A 88 45.17 -14.43 16.18
C GLU A 88 44.23 -14.26 17.36
N LYS A 89 44.78 -14.36 18.57
CA LYS A 89 44.03 -13.97 19.77
C LYS A 89 43.40 -12.59 19.60
N GLU A 90 44.16 -11.63 19.07
CA GLU A 90 43.61 -10.28 18.88
C GLU A 90 42.42 -10.30 17.92
N GLU A 91 42.46 -11.15 16.89
CA GLU A 91 41.35 -11.17 15.95
C GLU A 91 40.12 -11.81 16.55
N VAL A 92 40.29 -12.87 17.36
CA VAL A 92 39.14 -13.40 18.10
C VAL A 92 38.53 -12.30 18.94
N GLU A 93 39.36 -11.51 19.61
CA GLU A 93 38.87 -10.41 20.45
C GLU A 93 38.08 -9.40 19.61
N LYS A 94 38.61 -9.05 18.43
CA LYS A 94 37.91 -8.10 17.56
C LYS A 94 36.56 -8.63 17.11
N LEU A 95 36.51 -9.92 16.75
CA LEU A 95 35.24 -10.51 16.33
C LEU A 95 34.20 -10.41 17.43
N ILE A 96 34.60 -10.77 18.66
CA ILE A 96 33.67 -10.77 19.77
C ILE A 96 33.20 -9.35 20.07
N GLU A 97 34.12 -8.39 20.10
CA GLU A 97 33.70 -7.05 20.47
C GLU A 97 32.83 -6.43 19.38
N PHE A 98 33.11 -6.70 18.10
CA PHE A 98 32.24 -6.23 17.02
C PHE A 98 30.83 -6.78 17.18
N THR A 99 30.72 -8.08 17.49
CA THR A 99 29.41 -8.68 17.73
C THR A 99 28.72 -8.00 18.90
N LYS A 100 29.43 -7.81 20.00
CA LYS A 100 28.83 -7.19 21.19
C LYS A 100 28.29 -5.81 20.88
N LEU A 101 29.00 -5.05 20.04
CA LEU A 101 28.58 -3.68 19.77
C LEU A 101 27.42 -3.60 18.79
N ASN A 102 27.12 -4.69 18.08
CA ASN A 102 26.01 -4.74 17.14
C ASN A 102 24.89 -5.68 17.58
N TYR A 103 25.08 -6.35 18.73
CA TYR A 103 24.25 -7.46 19.19
C TYR A 103 22.77 -7.10 19.25
N GLU A 104 22.44 -5.86 19.61
CA GLU A 104 21.05 -5.52 19.88
C GLU A 104 20.30 -5.05 18.62
N LYS A 105 20.98 -4.95 17.51
CA LYS A 105 20.33 -4.48 16.28
C LYS A 105 19.47 -5.60 15.69
N PRO A 106 18.30 -5.28 15.14
CA PRO A 106 17.46 -6.34 14.59
C PRO A 106 18.14 -7.18 13.52
N ILE A 107 19.10 -6.61 12.77
CA ILE A 107 19.74 -7.42 11.76
C ILE A 107 20.64 -8.50 12.36
N TYR A 108 20.94 -8.42 13.66
CA TYR A 108 21.72 -9.44 14.34
C TYR A 108 20.83 -10.45 15.06
N ARG A 109 19.53 -10.48 14.75
CA ARG A 109 18.57 -11.34 15.44
C ARG A 109 18.68 -12.77 14.91
N PHE A 110 19.74 -13.44 15.35
CA PHE A 110 19.94 -14.88 15.10
C PHE A 110 20.04 -15.58 16.45
N GLU A 111 19.29 -16.68 16.63
CA GLU A 111 19.40 -17.44 17.88
C GLU A 111 20.83 -17.86 18.15
N ARG A 112 21.56 -18.23 17.10
CA ARG A 112 22.92 -18.72 17.27
C ARG A 112 23.84 -17.65 17.84
N ILE A 113 23.58 -16.37 17.53
CA ILE A 113 24.43 -15.31 18.08
C ILE A 113 24.22 -15.20 19.58
N ARG A 114 22.95 -15.27 20.03
CA ARG A 114 22.68 -15.30 21.46
C ARG A 114 23.34 -16.49 22.13
N GLU A 115 23.35 -17.64 21.46
CA GLU A 115 24.02 -18.81 21.99
C GLU A 115 25.51 -18.55 22.16
N LEU A 116 26.15 -18.07 21.09
CA LEU A 116 27.61 -17.93 21.09
C LEU A 116 28.06 -16.90 22.10
N MET A 117 27.32 -15.79 22.22
CA MET A 117 27.76 -14.73 23.13
C MET A 117 27.61 -15.12 24.59
N ASN A 118 26.83 -16.15 24.89
CA ASN A 118 26.66 -16.62 26.26
C ASN A 118 27.63 -17.76 26.60
N LYS A 119 28.51 -18.13 25.68
CA LYS A 119 29.46 -19.22 25.90
C LYS A 119 30.74 -18.69 26.52
N GLU A 120 31.24 -19.40 27.53
CA GLU A 120 32.50 -19.01 28.15
C GLU A 120 33.64 -19.06 27.16
N LYS A 121 33.58 -20.00 26.21
CA LYS A 121 34.71 -20.32 25.34
C LYS A 121 34.17 -20.88 24.04
N LEU A 122 34.78 -20.49 22.92
CA LEU A 122 34.32 -20.85 21.59
C LEU A 122 35.32 -21.77 20.91
N ASN A 123 34.84 -22.90 20.39
CA ASN A 123 35.69 -23.79 19.62
C ASN A 123 35.67 -23.37 18.15
N ARG A 124 36.32 -24.14 17.28
CA ARG A 124 36.47 -23.74 15.88
C ARG A 124 35.12 -23.62 15.17
N GLU A 125 34.24 -24.60 15.38
CA GLU A 125 32.93 -24.53 14.71
C GLU A 125 32.08 -23.37 15.23
N GLU A 126 32.19 -23.07 16.52
CA GLU A 126 31.47 -21.92 17.06
C GLU A 126 32.03 -20.60 16.52
N LEU A 127 33.36 -20.51 16.37
CA LEU A 127 33.92 -19.29 15.77
C LEU A 127 33.54 -19.17 14.31
N LEU A 128 33.48 -20.29 13.59
CA LEU A 128 33.05 -20.24 12.20
C LEU A 128 31.64 -19.67 12.10
N ASP A 129 30.75 -20.05 13.02
CA ASP A 129 29.41 -19.48 13.01
C ASP A 129 29.45 -18.00 13.35
N LEU A 130 30.27 -17.62 14.34
CA LEU A 130 30.38 -16.20 14.68
C LEU A 130 30.85 -15.38 13.49
N GLN A 131 31.84 -15.88 12.75
CA GLN A 131 32.34 -15.17 11.57
C GLN A 131 31.25 -15.06 10.52
N THR A 132 30.62 -16.19 10.20
CA THR A 132 29.67 -16.23 9.10
C THR A 132 28.40 -15.46 9.44
N LEU A 133 27.97 -15.48 10.71
CA LEU A 133 26.75 -14.75 11.05
C LEU A 133 27.00 -13.25 11.10
N ASN A 134 28.21 -12.81 11.47
CA ASN A 134 28.53 -11.39 11.31
C ASN A 134 28.46 -10.98 9.84
N LEU A 135 28.96 -11.82 8.95
CA LEU A 135 28.82 -11.53 7.53
C LEU A 135 27.35 -11.44 7.13
N LEU A 136 26.57 -12.46 7.49
CA LEU A 136 25.19 -12.55 7.02
C LEU A 136 24.29 -11.51 7.66
N ALA A 137 24.65 -11.02 8.85
CA ALA A 137 23.84 -9.97 9.48
C ALA A 137 23.78 -8.73 8.59
N TRP A 138 24.79 -8.50 7.75
CA TRP A 138 24.85 -7.32 6.90
C TRP A 138 24.42 -7.63 5.47
N CYS A 139 23.72 -8.75 5.26
CA CYS A 139 23.30 -9.13 3.92
C CYS A 139 22.28 -8.15 3.37
N GLY A 140 22.46 -7.73 2.13
CA GLY A 140 21.52 -6.81 1.52
C GLY A 140 20.32 -7.52 0.92
N ARG A 141 19.40 -6.70 0.42
CA ARG A 141 18.12 -7.20 -0.08
C ARG A 141 18.31 -8.21 -1.22
N THR A 142 19.19 -7.92 -2.18
CA THR A 142 19.37 -8.81 -3.32
C THR A 142 19.83 -10.19 -2.87
N LEU A 143 20.87 -10.23 -2.04
CA LEU A 143 21.40 -11.53 -1.62
C LEU A 143 20.57 -12.16 -0.51
N ARG A 144 19.72 -11.41 0.21
CA ARG A 144 18.82 -12.07 1.14
C ARG A 144 17.87 -13.01 0.42
N LYS A 145 17.62 -12.76 -0.85
CA LYS A 145 16.79 -13.69 -1.60
C LYS A 145 17.65 -14.78 -2.21
N ASP A 146 18.80 -14.41 -2.77
CA ASP A 146 19.65 -15.41 -3.41
C ASP A 146 20.22 -16.40 -2.40
N LEU A 147 20.53 -15.95 -1.18
CA LEU A 147 21.17 -16.77 -0.16
C LEU A 147 20.20 -17.15 0.96
N LYS A 148 18.89 -17.14 0.69
CA LYS A 148 17.90 -17.38 1.73
C LYS A 148 18.11 -18.70 2.45
N ASP A 149 18.57 -19.73 1.74
CA ASP A 149 18.73 -21.04 2.37
C ASP A 149 19.86 -21.03 3.39
N LEU A 150 20.97 -20.36 3.06
CA LEU A 150 22.07 -20.26 4.03
C LEU A 150 21.67 -19.37 5.20
N LEU A 151 20.91 -18.30 4.93
CA LEU A 151 20.43 -17.46 6.02
C LEU A 151 19.55 -18.25 6.98
N ASN A 152 18.67 -19.10 6.45
CA ASN A 152 17.74 -19.85 7.31
C ASN A 152 18.43 -20.98 8.06
N LYS A 153 19.59 -21.45 7.58
CA LYS A 153 20.44 -22.34 8.37
C LYS A 153 20.61 -21.80 9.78
N GLY A 154 21.16 -20.58 9.87
CA GLY A 154 21.35 -19.86 11.10
C GLY A 154 22.46 -20.39 11.99
N ARG A 155 23.15 -21.46 11.58
CA ARG A 155 24.16 -22.10 12.41
C ARG A 155 24.88 -23.15 11.57
N ASN A 156 25.95 -23.70 12.14
CA ASN A 156 26.64 -24.87 11.57
C ASN A 156 27.24 -24.56 10.20
N TYR A 157 27.86 -23.39 10.08
CA TYR A 157 28.43 -22.99 8.81
C TYR A 157 29.82 -23.60 8.61
N THR A 158 30.13 -23.91 7.36
CA THR A 158 31.47 -24.37 7.01
C THR A 158 32.27 -23.23 6.40
N GLN A 159 33.58 -23.43 6.33
CA GLN A 159 34.46 -22.46 5.70
C GLN A 159 34.09 -22.25 4.22
N GLU A 160 33.68 -23.31 3.53
CA GLU A 160 33.27 -23.18 2.13
C GLU A 160 32.08 -22.25 2.00
N GLU A 161 31.09 -22.43 2.88
CA GLU A 161 29.89 -21.61 2.81
C GLU A 161 30.21 -20.15 3.09
N LYS A 162 31.04 -19.89 4.11
CA LYS A 162 31.49 -18.53 4.40
C LYS A 162 32.18 -17.92 3.19
N GLU A 163 33.06 -18.69 2.55
CA GLU A 163 33.77 -18.19 1.37
C GLU A 163 32.81 -17.93 0.22
N TYR A 164 31.78 -18.76 0.08
CA TYR A 164 30.76 -18.50 -0.94
C TYR A 164 30.06 -17.17 -0.69
N VAL A 165 29.65 -16.92 0.55
CA VAL A 165 29.00 -15.65 0.89
C VAL A 165 29.93 -14.48 0.58
N LEU A 166 31.20 -14.60 0.97
CA LEU A 166 32.18 -13.54 0.71
C LEU A 166 32.32 -13.24 -0.78
N ASN A 167 32.41 -14.29 -1.59
CA ASN A 167 32.49 -14.08 -3.03
C ASN A 167 31.26 -13.35 -3.56
N LYS A 168 30.06 -13.73 -3.10
CA LYS A 168 28.86 -13.06 -3.56
C LYS A 168 28.84 -11.60 -3.11
N TYR A 169 29.31 -11.35 -1.89
CA TYR A 169 29.40 -9.97 -1.39
C TYR A 169 30.30 -9.13 -2.28
N PHE A 170 31.46 -9.66 -2.68
CA PHE A 170 32.35 -8.88 -3.54
C PHE A 170 31.77 -8.70 -4.93
N GLU A 171 31.01 -9.67 -5.44
CA GLU A 171 30.27 -9.46 -6.69
C GLU A 171 29.36 -8.23 -6.58
N ILE A 172 28.64 -8.10 -5.47
CA ILE A 172 27.76 -6.94 -5.26
C ILE A 172 28.58 -5.65 -5.29
N ILE A 173 29.72 -5.63 -4.60
CA ILE A 173 30.55 -4.42 -4.59
C ILE A 173 31.02 -4.09 -6.00
N LYS A 174 31.43 -5.10 -6.75
CA LYS A 174 31.93 -4.88 -8.09
C LYS A 174 30.87 -4.33 -9.03
N LYS A 175 29.60 -4.56 -8.74
CA LYS A 175 28.51 -4.07 -9.57
C LYS A 175 28.00 -2.69 -9.12
N THR A 176 28.54 -2.14 -8.04
CA THR A 176 27.87 -1.01 -7.39
C THR A 176 27.96 0.26 -8.23
N LEU A 177 29.14 0.64 -8.69
CA LEU A 177 29.18 1.87 -9.50
C LEU A 177 28.40 1.70 -10.81
N SER A 178 28.40 0.48 -11.38
CA SER A 178 27.62 0.23 -12.58
C SER A 178 26.13 0.50 -12.37
N ILE A 179 25.59 0.15 -11.20
CA ILE A 179 24.15 0.37 -11.06
C ILE A 179 23.85 1.87 -10.95
N TYR A 180 24.73 2.65 -10.31
CA TYR A 180 24.51 4.09 -10.28
C TYR A 180 24.54 4.68 -11.70
N ARG A 181 25.48 4.22 -12.53
CA ARG A 181 25.50 4.69 -13.91
C ARG A 181 24.21 4.29 -14.63
N GLU A 182 23.74 3.06 -14.42
CA GLU A 182 22.56 2.60 -15.15
C GLU A 182 21.31 3.39 -14.76
N ILE A 183 21.06 3.54 -13.46
CA ILE A 183 19.83 4.24 -13.10
C ILE A 183 19.91 5.71 -13.54
N LYS A 184 21.11 6.28 -13.55
CA LYS A 184 21.26 7.64 -14.03
C LYS A 184 20.97 7.72 -15.53
N GLU A 185 21.59 6.84 -16.31
CA GLU A 185 21.42 6.87 -17.76
C GLU A 185 19.98 6.56 -18.15
N GLU A 186 19.30 5.69 -17.39
CA GLU A 186 17.93 5.31 -17.69
C GLU A 186 16.91 6.32 -17.19
N GLY A 187 17.35 7.38 -16.51
CA GLY A 187 16.44 8.40 -16.03
C GLY A 187 15.63 7.98 -14.83
N LYS A 188 16.06 6.93 -14.12
CA LYS A 188 15.34 6.50 -12.93
C LYS A 188 15.74 7.29 -11.69
N GLY A 189 16.88 7.99 -11.74
CA GLY A 189 17.27 8.84 -10.64
C GLY A 189 18.43 9.70 -11.06
N SER A 190 18.61 10.81 -10.34
CA SER A 190 19.81 11.60 -10.51
C SER A 190 20.83 11.20 -9.47
N VAL A 191 22.11 11.42 -9.78
CA VAL A 191 23.20 11.17 -8.84
C VAL A 191 23.97 12.47 -8.62
N SER A 192 24.13 12.82 -7.36
CA SER A 192 24.85 14.03 -6.95
C SER A 192 26.15 13.61 -6.26
N THR A 193 26.97 14.59 -5.92
CA THR A 193 28.12 14.33 -5.04
C THR A 193 28.23 15.50 -4.07
N SER A 194 29.21 15.41 -3.16
CA SER A 194 29.52 16.39 -2.14
C SER A 194 30.98 16.80 -2.29
N PRO A 195 31.36 17.98 -1.80
CA PRO A 195 32.77 18.32 -1.64
C PRO A 195 33.54 17.15 -1.01
N TYR A 196 34.79 16.99 -1.43
CA TYR A 196 35.41 15.67 -1.57
C TYR A 196 35.35 14.84 -0.29
N TYR A 197 35.86 15.38 0.83
CA TYR A 197 35.93 14.60 2.07
C TYR A 197 34.85 14.99 3.07
N HIS A 198 33.71 15.46 2.57
CA HIS A 198 32.55 15.77 3.41
C HIS A 198 32.90 16.76 4.52
N PRO A 199 33.54 17.90 4.21
CA PRO A 199 33.82 18.92 5.23
C PRO A 199 32.62 19.82 5.50
N LEU A 200 32.75 20.68 6.53
CA LEU A 200 31.80 21.75 6.82
C LEU A 200 32.27 23.00 6.08
N ILE A 201 31.81 23.15 4.83
CA ILE A 201 32.25 24.24 3.97
C ILE A 201 32.04 25.60 4.62
N PRO A 202 30.91 25.89 5.29
CA PRO A 202 30.78 27.23 5.89
C PRO A 202 31.86 27.57 6.91
N ILE A 203 32.31 26.59 7.71
CA ILE A 203 33.36 26.87 8.68
C ILE A 203 34.69 27.06 7.96
N LEU A 204 34.99 26.25 6.95
CA LEU A 204 36.24 26.45 6.22
C LEU A 204 36.31 27.83 5.58
N LEU A 205 35.17 28.37 5.12
CA LEU A 205 35.19 29.69 4.50
C LEU A 205 35.23 30.79 5.53
N ASN A 206 34.54 30.59 6.65
CA ASN A 206 34.42 31.65 7.63
C ASN A 206 34.04 31.02 8.97
N PRO A 207 35.01 30.66 9.80
CA PRO A 207 34.67 30.05 11.10
C PRO A 207 33.73 30.89 11.96
N ASN A 208 33.70 32.21 11.79
CA ASN A 208 32.81 33.03 12.60
C ASN A 208 31.34 32.89 12.23
N CYS A 209 31.02 32.14 11.17
CA CYS A 209 29.61 31.92 10.85
C CYS A 209 28.88 31.14 11.94
N VAL A 210 29.62 30.48 12.85
CA VAL A 210 28.97 29.78 13.95
C VAL A 210 28.20 30.75 14.83
N TYR A 211 28.63 32.01 14.89
CA TYR A 211 27.99 33.00 15.73
C TYR A 211 26.69 33.54 15.16
N GLU A 212 26.31 33.12 13.95
CA GLU A 212 25.02 33.52 13.40
C GLU A 212 23.86 32.90 14.16
N THR A 213 24.06 31.73 14.76
CA THR A 213 23.02 31.01 15.50
C THR A 213 23.36 30.73 16.95
N THR A 214 24.63 30.59 17.31
CA THR A 214 25.03 30.22 18.67
C THR A 214 26.07 31.23 19.16
N PRO A 215 25.62 32.36 19.69
CA PRO A 215 26.56 33.41 20.09
C PRO A 215 27.46 33.04 21.24
N ASN A 216 27.08 32.07 22.05
CA ASN A 216 27.79 31.77 23.29
C ASN A 216 28.85 30.70 23.14
N VAL A 217 29.05 30.17 21.95
CA VAL A 217 29.99 29.09 21.76
C VAL A 217 31.42 29.64 21.79
N LYS A 218 32.34 28.83 22.31
CA LYS A 218 33.77 29.11 22.25
C LYS A 218 34.36 28.33 21.08
N ILE A 219 35.18 28.98 20.27
CA ILE A 219 35.91 28.30 19.21
C ILE A 219 37.39 28.67 19.34
N PRO A 220 38.28 27.85 18.76
CA PRO A 220 39.70 28.17 18.83
C PRO A 220 40.10 29.30 17.89
N ASP A 221 41.37 29.69 18.01
CA ASP A 221 41.96 30.76 17.18
C ASP A 221 42.25 30.18 15.80
N PHE A 222 41.43 30.56 14.81
CA PHE A 222 41.67 30.10 13.44
C PHE A 222 42.76 30.97 12.80
N ALA A 223 44.00 30.65 13.15
CA ALA A 223 45.19 31.38 12.72
C ALA A 223 45.65 31.05 11.30
N VAL A 224 44.94 30.17 10.57
CA VAL A 224 45.21 29.88 9.17
C VAL A 224 43.91 30.01 8.40
N SER A 225 44.04 30.18 7.08
CA SER A 225 42.89 30.24 6.18
C SER A 225 42.64 28.85 5.58
N PHE A 226 41.39 28.40 5.66
CA PHE A 226 40.93 27.19 4.98
C PHE A 226 40.10 27.50 3.73
N ARG A 227 40.09 28.77 3.29
CA ARG A 227 39.22 29.15 2.19
C ARG A 227 39.62 28.48 0.87
N GLU A 228 40.92 28.38 0.59
CA GLU A 228 41.32 27.70 -0.64
C GLU A 228 40.98 26.21 -0.57
N ASP A 229 41.15 25.60 0.60
CA ASP A 229 40.81 24.18 0.74
C ASP A 229 39.33 23.92 0.48
N ALA A 230 38.46 24.82 0.94
CA ALA A 230 37.02 24.70 0.64
C ALA A 230 36.81 24.62 -0.87
N SER A 231 37.48 25.50 -1.62
CA SER A 231 37.40 25.44 -3.09
C SER A 231 37.91 24.10 -3.60
N LYS A 232 39.03 23.62 -3.05
CA LYS A 232 39.61 22.35 -3.50
C LYS A 232 38.66 21.18 -3.28
N HIS A 233 38.00 21.13 -2.11
CA HIS A 233 37.03 20.06 -1.89
C HIS A 233 36.01 20.02 -3.01
N VAL A 234 35.49 21.20 -3.39
CA VAL A 234 34.45 21.22 -4.42
C VAL A 234 35.03 20.84 -5.78
N GLU A 235 36.19 21.40 -6.13
CA GLU A 235 36.72 21.16 -7.47
C GLU A 235 37.13 19.70 -7.65
N LEU A 236 37.78 19.13 -6.63
CA LEU A 236 38.18 17.72 -6.71
C LEU A 236 36.97 16.81 -6.78
N ALA A 237 35.88 17.17 -6.08
CA ALA A 237 34.66 16.36 -6.18
C ALA A 237 34.08 16.40 -7.58
N LYS A 238 34.08 17.57 -8.21
CA LYS A 238 33.65 17.64 -9.60
C LYS A 238 34.50 16.74 -10.50
N GLU A 239 35.81 16.70 -10.26
CA GLU A 239 36.67 15.87 -11.09
C GLU A 239 36.40 14.39 -10.87
N LYS A 240 36.19 13.98 -9.61
CA LYS A 240 35.93 12.56 -9.33
C LYS A 240 34.63 12.11 -9.97
N TYR A 241 33.58 12.90 -9.81
CA TYR A 241 32.29 12.61 -10.45
C TYR A 241 32.45 12.53 -11.97
N PHE A 242 33.24 13.45 -12.54
CA PHE A 242 33.50 13.44 -13.99
C PHE A 242 34.16 12.14 -14.42
N GLU A 243 35.12 11.64 -13.64
CA GLU A 243 35.79 10.37 -13.93
C GLU A 243 34.80 9.21 -14.00
N ILE A 244 33.84 9.17 -13.07
CA ILE A 244 32.94 8.04 -12.93
C ILE A 244 31.80 8.09 -13.95
N PHE A 245 31.18 9.26 -14.11
CA PHE A 245 29.95 9.41 -14.88
C PHE A 245 30.13 10.09 -16.22
N GLY A 246 31.30 10.69 -16.49
CA GLY A 246 31.57 11.30 -17.78
C GLY A 246 31.10 12.74 -17.93
N GLU A 247 30.52 13.31 -16.88
CA GLU A 247 29.99 14.67 -16.92
C GLU A 247 30.29 15.32 -15.58
N HIS A 248 30.37 16.65 -15.58
CA HIS A 248 30.51 17.32 -14.30
C HIS A 248 29.17 17.38 -13.59
N PRO A 249 29.19 17.37 -12.25
CA PRO A 249 27.93 17.31 -11.50
C PRO A 249 27.23 18.67 -11.48
N VAL A 250 25.92 18.62 -11.66
CA VAL A 250 25.07 19.80 -11.62
C VAL A 250 24.42 19.99 -10.25
N TYR A 251 24.30 18.93 -9.46
CA TYR A 251 23.73 19.02 -8.12
C TYR A 251 24.74 18.52 -7.10
N MET A 252 24.73 19.15 -5.94
CA MET A 252 25.52 18.67 -4.82
C MET A 252 24.67 18.64 -3.56
N TRP A 253 24.98 17.67 -2.69
CA TRP A 253 24.47 17.68 -1.33
C TRP A 253 25.53 18.32 -0.46
N PRO A 254 25.25 19.47 0.16
CA PRO A 254 26.21 20.04 1.10
C PRO A 254 26.29 19.20 2.35
N PRO A 255 27.49 18.80 2.78
CA PRO A 255 27.59 17.95 3.96
C PRO A 255 26.87 18.53 5.16
N GLU A 256 26.14 17.67 5.86
CA GLU A 256 25.35 18.04 7.03
C GLU A 256 24.32 19.11 6.68
N ALA A 257 23.88 19.14 5.42
CA ALA A 257 22.95 20.17 4.94
C ALA A 257 23.50 21.58 5.13
N SER A 258 24.83 21.72 5.30
CA SER A 258 25.37 22.98 5.79
C SER A 258 25.52 24.02 4.69
N VAL A 259 24.93 25.21 4.92
CA VAL A 259 25.02 26.31 3.99
C VAL A 259 25.28 27.58 4.78
N SER A 260 25.70 28.60 4.04
CA SER A 260 25.92 29.96 4.51
C SER A 260 25.93 30.80 3.24
N ASN A 261 25.85 32.12 3.41
CA ASN A 261 25.91 32.98 2.22
C ASN A 261 27.19 32.75 1.45
N GLU A 262 28.32 32.62 2.16
CA GLU A 262 29.59 32.42 1.47
C GLU A 262 29.66 31.05 0.82
N ALA A 263 29.12 30.02 1.47
CA ALA A 263 29.14 28.68 0.88
C ALA A 263 28.28 28.62 -0.37
N LEU A 264 27.10 29.26 -0.35
CA LEU A 264 26.25 29.24 -1.54
C LEU A 264 26.93 29.96 -2.70
N GLU A 265 27.61 31.07 -2.41
CA GLU A 265 28.39 31.74 -3.45
C GLU A 265 29.45 30.81 -4.02
N LEU A 266 30.13 30.05 -3.15
CA LEU A 266 31.17 29.15 -3.65
C LEU A 266 30.58 28.07 -4.55
N TYR A 267 29.47 27.45 -4.15
CA TYR A 267 28.85 26.46 -5.01
C TYR A 267 28.46 27.06 -6.35
N TYR A 268 27.89 28.27 -6.34
CA TYR A 268 27.58 28.97 -7.58
C TYR A 268 28.82 29.17 -8.43
N GLU A 269 29.90 29.66 -7.81
CA GLU A 269 31.09 29.96 -8.58
C GLU A 269 31.70 28.71 -9.20
N LYS A 270 31.50 27.55 -8.57
CA LYS A 270 32.01 26.29 -9.11
C LYS A 270 31.01 25.61 -10.05
N GLY A 271 29.93 26.31 -10.43
CA GLY A 271 29.05 25.78 -11.45
C GLY A 271 27.96 24.82 -10.98
N ILE A 272 27.67 24.77 -9.68
CA ILE A 272 26.62 23.91 -9.17
C ILE A 272 25.29 24.62 -9.34
N ASN A 273 24.30 23.93 -9.89
CA ASN A 273 23.02 24.55 -10.24
C ASN A 273 21.98 24.39 -9.15
N MET A 274 22.08 23.35 -8.34
CA MET A 274 21.07 23.13 -7.31
C MET A 274 21.68 22.37 -6.15
N LEU A 275 21.24 22.71 -4.94
CA LEU A 275 21.52 21.93 -3.76
C LEU A 275 20.25 21.87 -2.91
N ALA A 276 20.30 21.07 -1.85
CA ALA A 276 19.27 21.11 -0.84
C ALA A 276 19.91 21.34 0.50
N THR A 277 19.09 21.79 1.45
CA THR A 277 19.52 22.02 2.82
C THR A 277 18.32 21.75 3.72
N ASP A 278 18.35 22.23 4.95
CA ASP A 278 17.40 21.80 5.96
C ASP A 278 16.33 22.84 6.23
N GLU A 279 15.14 22.35 6.62
CA GLU A 279 14.02 23.22 6.92
C GLU A 279 14.33 24.20 8.06
N VAL A 280 15.11 23.78 9.07
CA VAL A 280 15.42 24.70 10.17
C VAL A 280 16.17 25.92 9.66
N ILE A 281 17.06 25.74 8.66
CA ILE A 281 17.76 26.88 8.08
C ILE A 281 16.77 27.84 7.46
N LEU A 282 15.76 27.31 6.76
CA LEU A 282 14.73 28.15 6.17
C LEU A 282 14.03 28.96 7.24
N LYS A 283 13.60 28.31 8.32
CA LYS A 283 12.89 29.02 9.38
C LYS A 283 13.77 30.10 9.99
N ASN A 284 15.07 29.84 10.12
CA ASN A 284 15.98 30.81 10.69
C ASN A 284 16.27 31.98 9.77
N SER A 285 16.02 31.82 8.47
CA SER A 285 16.45 32.78 7.46
C SER A 285 15.32 33.66 6.93
N VAL A 286 14.07 33.18 6.98
CA VAL A 286 12.92 33.87 6.39
C VAL A 286 11.78 33.82 7.39
N GLU A 287 11.10 34.95 7.61
CA GLU A 287 10.08 34.98 8.66
C GLU A 287 8.94 34.01 8.36
N ARG A 288 8.44 34.00 7.12
CA ARG A 288 7.33 33.13 6.72
C ARG A 288 7.70 32.47 5.41
N ALA A 289 7.92 31.15 5.43
CA ALA A 289 8.33 30.51 4.20
C ALA A 289 7.89 29.06 4.23
N SER A 290 7.43 28.60 3.08
CA SER A 290 7.03 27.22 2.96
C SER A 290 8.16 26.40 2.35
N PRO A 291 8.39 25.19 2.87
CA PRO A 291 9.42 24.32 2.30
C PRO A 291 9.01 23.64 1.00
N TYR A 292 7.82 23.91 0.46
CA TYR A 292 7.32 23.21 -0.72
C TYR A 292 7.55 23.99 -2.02
N LEU A 293 8.39 25.01 -1.99
CA LEU A 293 8.71 25.83 -3.14
C LEU A 293 10.14 25.56 -3.59
N ARG A 294 10.43 25.85 -4.87
CA ARG A 294 11.82 25.94 -5.32
C ARG A 294 12.33 27.34 -5.00
N TYR A 295 13.43 27.43 -4.27
CA TYR A 295 14.03 28.72 -3.93
C TYR A 295 15.20 29.03 -4.85
N TYR A 296 15.39 30.32 -5.13
CA TYR A 296 16.53 30.82 -5.90
C TYR A 296 17.31 31.74 -4.98
N PHE A 297 18.52 31.33 -4.62
CA PHE A 297 19.34 32.18 -3.77
C PHE A 297 20.02 33.22 -4.63
N ARG A 298 19.58 34.48 -4.51
CA ARG A 298 20.11 35.63 -5.26
C ARG A 298 20.07 35.42 -6.77
N GLU A 299 19.14 34.59 -7.26
CA GLU A 299 19.05 34.19 -8.67
C GLU A 299 20.33 33.52 -9.18
N LEU A 300 21.15 32.99 -8.28
CA LEU A 300 22.42 32.37 -8.64
C LEU A 300 22.36 30.85 -8.64
N ILE A 301 21.64 30.28 -7.69
CA ILE A 301 21.64 28.84 -7.47
C ILE A 301 20.29 28.45 -6.89
N SER A 302 19.78 27.29 -7.32
CA SER A 302 18.50 26.79 -6.83
C SER A 302 18.71 26.01 -5.54
N VAL A 303 17.81 26.20 -4.59
CA VAL A 303 17.86 25.57 -3.26
C VAL A 303 16.49 24.99 -2.96
N PHE A 304 16.45 23.73 -2.55
CA PHE A 304 15.27 23.17 -1.92
C PHE A 304 15.56 22.92 -0.45
N PHE A 305 14.54 23.07 0.37
CA PHE A 305 14.65 22.82 1.80
C PHE A 305 13.88 21.55 2.09
N ARG A 306 14.56 20.56 2.66
CA ARG A 306 13.92 19.26 2.88
C ARG A 306 12.81 19.38 3.91
N ASP A 307 11.82 18.49 3.77
CA ASP A 307 10.78 18.33 4.78
C ASP A 307 11.40 17.56 5.93
N LYS A 308 11.71 18.27 7.02
CA LYS A 308 12.40 17.67 8.15
C LYS A 308 11.58 16.58 8.83
N THR A 309 10.27 16.82 9.00
CA THR A 309 9.43 15.83 9.66
C THR A 309 9.44 14.50 8.91
N LEU A 310 9.16 14.54 7.60
CA LEU A 310 9.12 13.30 6.82
C LEU A 310 10.47 12.62 6.78
N SER A 311 11.54 13.40 6.65
CA SER A 311 12.89 12.84 6.60
C SER A 311 13.24 12.16 7.92
N ASP A 312 12.93 12.83 9.04
CA ASP A 312 13.16 12.28 10.37
C ASP A 312 12.28 11.07 10.66
N LEU A 313 11.05 11.06 10.14
CA LEU A 313 10.21 9.89 10.39
C LEU A 313 10.89 8.63 9.86
N ILE A 314 11.45 8.69 8.65
CA ILE A 314 12.12 7.51 8.12
C ILE A 314 13.43 7.26 8.86
N GLY A 315 14.22 8.32 9.06
CA GLY A 315 15.54 8.15 9.64
C GLY A 315 15.54 7.76 11.10
N PHE A 316 14.54 8.22 11.87
CA PHE A 316 14.54 8.02 13.31
C PHE A 316 13.33 7.29 13.86
N SER A 317 12.16 7.42 13.24
CA SER A 317 10.93 6.97 13.91
C SER A 317 10.48 5.57 13.49
N TYR A 318 10.37 5.33 12.19
CA TYR A 318 9.60 4.20 11.70
C TYR A 318 10.26 2.84 11.97
N HIS A 319 11.54 2.80 12.35
CA HIS A 319 12.09 1.53 12.81
C HIS A 319 11.30 0.96 13.98
N ALA A 320 10.65 1.82 14.75
CA ALA A 320 9.90 1.40 15.94
C ALA A 320 8.43 1.10 15.63
N TRP A 321 8.03 1.18 14.38
CA TRP A 321 6.65 0.93 13.97
C TRP A 321 6.53 -0.37 13.19
N ASN A 322 5.30 -0.89 13.16
CA ASN A 322 4.92 -1.89 12.18
C ASN A 322 4.97 -1.27 10.79
N ALA A 323 5.39 -2.05 9.79
CA ALA A 323 5.73 -1.48 8.48
C ALA A 323 4.50 -0.91 7.76
N GLU A 324 3.36 -1.60 7.78
CA GLU A 324 2.19 -1.04 7.11
C GLU A 324 1.73 0.25 7.77
N ASP A 325 1.74 0.28 9.11
CA ASP A 325 1.30 1.47 9.81
C ASP A 325 2.18 2.66 9.48
N ALA A 326 3.50 2.43 9.41
CA ALA A 326 4.44 3.48 9.04
C ALA A 326 4.16 4.02 7.65
N VAL A 327 3.90 3.12 6.68
CA VAL A 327 3.59 3.56 5.32
C VAL A 327 2.26 4.31 5.30
N ARG A 328 1.27 3.82 6.04
CA ARG A 328 -0.01 4.53 6.11
C ARG A 328 0.17 5.92 6.69
N ASP A 329 1.02 6.05 7.73
CA ASP A 329 1.28 7.35 8.34
C ASP A 329 1.96 8.30 7.35
N PHE A 330 2.96 7.80 6.61
CA PHE A 330 3.72 8.61 5.66
C PHE A 330 2.85 9.08 4.50
N ILE A 331 2.06 8.18 3.93
CA ILE A 331 1.17 8.58 2.84
C ILE A 331 0.10 9.54 3.36
N GLY A 332 -0.43 9.29 4.57
CA GLY A 332 -1.45 10.18 5.10
C GLY A 332 -0.93 11.59 5.33
N ARG A 333 0.33 11.71 5.72
CA ARG A 333 0.94 13.02 5.83
C ARG A 333 1.08 13.67 4.45
N LEU A 334 1.47 12.89 3.44
CA LEU A 334 1.52 13.43 2.08
C LEU A 334 0.14 13.87 1.61
N LYS A 335 -0.90 13.14 2.00
CA LYS A 335 -2.26 13.54 1.63
C LYS A 335 -2.59 14.90 2.22
N LYS A 336 -2.25 15.12 3.49
CA LYS A 336 -2.51 16.41 4.12
C LYS A 336 -1.78 17.54 3.43
N ILE A 337 -0.52 17.33 3.04
CA ILE A 337 0.22 18.33 2.28
C ILE A 337 -0.47 18.61 0.95
N HIS A 338 -0.85 17.54 0.25
CA HIS A 338 -1.51 17.67 -1.04
C HIS A 338 -2.80 18.47 -0.94
N GLU A 339 -3.58 18.22 0.11
CA GLU A 339 -4.86 18.89 0.25
C GLU A 339 -4.75 20.29 0.86
N SER A 340 -3.57 20.66 1.35
CA SER A 340 -3.43 21.90 2.09
C SER A 340 -3.05 23.09 1.22
N VAL A 341 -2.59 22.88 -0.02
CA VAL A 341 -2.15 23.98 -0.85
C VAL A 341 -2.81 23.92 -2.21
N ASP A 342 -2.95 25.09 -2.84
CA ASP A 342 -3.56 25.27 -4.15
C ASP A 342 -2.62 24.89 -5.28
N PHE A 343 -1.32 25.01 -5.06
CA PHE A 343 -0.33 24.75 -6.09
C PHE A 343 0.15 23.31 -5.93
N GLN A 344 1.13 22.95 -6.76
CA GLN A 344 1.72 21.62 -6.66
C GLN A 344 2.97 21.72 -5.79
N PRO A 345 2.95 21.17 -4.58
CA PRO A 345 4.12 21.28 -3.70
C PRO A 345 5.23 20.34 -4.11
N VAL A 346 6.46 20.74 -3.81
CA VAL A 346 7.64 19.90 -3.99
C VAL A 346 8.14 19.50 -2.61
N VAL A 347 8.19 18.20 -2.36
CA VAL A 347 8.44 17.67 -1.02
C VAL A 347 9.75 16.91 -1.07
N PHE A 348 10.82 17.48 -0.50
CA PHE A 348 12.12 16.81 -0.48
C PHE A 348 12.27 15.99 0.78
N VAL A 349 12.58 14.70 0.60
CA VAL A 349 12.86 13.78 1.69
C VAL A 349 14.34 13.42 1.55
N VAL A 350 15.17 13.93 2.46
CA VAL A 350 16.61 13.85 2.32
C VAL A 350 17.19 13.35 3.63
N LEU A 351 17.91 12.23 3.57
CA LEU A 351 18.54 11.70 4.77
C LEU A 351 19.61 10.72 4.31
N ASN A 352 20.45 10.26 5.26
CA ASN A 352 21.38 9.20 4.90
C ASN A 352 20.64 7.96 4.41
N GLY A 353 21.20 7.32 3.39
CA GLY A 353 20.56 6.15 2.81
C GLY A 353 21.05 4.82 3.32
N GLU A 354 21.98 4.80 4.28
CA GLU A 354 22.55 3.52 4.66
C GLU A 354 22.54 3.24 6.17
N ASN A 355 22.20 4.20 7.03
CA ASN A 355 22.44 4.00 8.46
C ASN A 355 21.20 3.62 9.25
N CYS A 356 20.00 3.87 8.74
CA CYS A 356 18.82 3.61 9.56
C CYS A 356 18.30 2.18 9.47
N TRP A 357 18.58 1.47 8.36
CA TRP A 357 17.90 0.20 8.10
C TRP A 357 18.31 -0.90 9.05
N GLU A 358 19.54 -0.85 9.57
CA GLU A 358 19.97 -1.88 10.52
C GLU A 358 19.12 -1.92 11.78
N TYR A 359 18.38 -0.85 12.08
CA TYR A 359 17.49 -0.80 13.23
C TYR A 359 16.06 -1.17 12.89
N TYR A 360 15.72 -1.37 11.60
CA TYR A 360 14.40 -1.83 11.24
C TYR A 360 14.36 -3.35 11.21
N GLU A 361 13.18 -3.91 11.42
CA GLU A 361 13.01 -5.35 11.20
C GLU A 361 13.39 -5.71 9.78
N GLU A 362 14.12 -6.81 9.63
CA GLU A 362 14.50 -7.33 8.31
C GLU A 362 15.17 -6.26 7.44
N ASN A 363 16.00 -5.43 8.07
CA ASN A 363 16.87 -4.49 7.35
C ASN A 363 16.06 -3.47 6.53
N GLY A 364 14.87 -3.11 7.03
CA GLY A 364 14.00 -2.13 6.38
C GLY A 364 13.35 -2.59 5.09
N ILE A 365 13.48 -3.86 4.73
CA ILE A 365 13.00 -4.33 3.43
C ILE A 365 11.47 -4.36 3.43
N PRO A 366 10.79 -4.88 4.46
CA PRO A 366 9.31 -4.77 4.45
C PRO A 366 8.85 -3.33 4.37
N PHE A 367 9.50 -2.41 5.10
CA PHE A 367 9.08 -1.01 5.06
C PHE A 367 9.26 -0.42 3.66
N LEU A 368 10.45 -0.54 3.08
CA LEU A 368 10.68 0.10 1.80
C LEU A 368 9.90 -0.58 0.68
N GLU A 369 9.78 -1.91 0.69
CA GLU A 369 8.96 -2.54 -0.35
C GLU A 369 7.51 -2.12 -0.24
N LYS A 370 6.99 -1.97 0.98
CA LYS A 370 5.62 -1.49 1.13
C LYS A 370 5.49 -0.04 0.68
N LEU A 371 6.44 0.81 1.10
CA LEU A 371 6.42 2.23 0.76
C LEU A 371 6.47 2.43 -0.75
N TYR A 372 7.47 1.85 -1.41
CA TYR A 372 7.62 2.05 -2.84
C TYR A 372 6.46 1.45 -3.62
N SER A 373 6.00 0.24 -3.24
CA SER A 373 4.84 -0.36 -3.89
C SER A 373 3.61 0.54 -3.75
N THR A 374 3.42 1.16 -2.60
CA THR A 374 2.28 2.05 -2.41
C THR A 374 2.45 3.32 -3.24
N LEU A 375 3.66 3.89 -3.23
CA LEU A 375 3.89 5.15 -3.91
C LEU A 375 3.62 5.04 -5.40
N GLU A 376 4.06 3.93 -6.01
CA GLU A 376 3.92 3.82 -7.46
C GLU A 376 2.47 3.70 -7.88
N LYS A 377 1.58 3.39 -6.95
CA LYS A 377 0.16 3.24 -7.26
C LYS A 377 -0.67 4.45 -6.88
N GLU A 378 -0.09 5.49 -6.29
CA GLU A 378 -0.86 6.68 -5.94
C GLU A 378 -0.79 7.69 -7.08
N GLU A 379 -1.89 7.85 -7.81
CA GLU A 379 -1.90 8.64 -9.04
C GLU A 379 -1.54 10.09 -8.79
N TRP A 380 -1.83 10.60 -7.60
CA TRP A 380 -1.66 12.01 -7.29
C TRP A 380 -0.27 12.36 -6.78
N ILE A 381 0.60 11.36 -6.57
CA ILE A 381 2.00 11.59 -6.24
C ILE A 381 2.84 11.30 -7.46
N GLU A 382 3.75 12.21 -7.80
CA GLU A 382 4.72 11.97 -8.85
C GLU A 382 6.10 12.11 -8.21
N THR A 383 6.84 11.00 -8.14
CA THR A 383 8.22 11.09 -7.70
C THR A 383 9.08 11.64 -8.83
N LEU A 384 10.09 12.44 -8.47
CA LEU A 384 10.91 13.16 -9.44
C LEU A 384 12.39 12.84 -9.26
N THR A 385 13.12 12.84 -10.37
CA THR A 385 14.57 12.95 -10.28
C THR A 385 14.96 14.37 -9.85
N LEU A 386 16.23 14.55 -9.43
CA LEU A 386 16.69 15.90 -9.09
C LEU A 386 16.63 16.81 -10.30
N GLU A 387 16.91 16.26 -11.49
CA GLU A 387 16.81 17.02 -12.72
C GLU A 387 15.41 17.54 -12.93
N GLU A 388 14.41 16.67 -12.74
CA GLU A 388 13.02 17.06 -12.93
C GLU A 388 12.59 18.11 -11.92
N ALA A 389 13.00 17.95 -10.65
CA ALA A 389 12.70 18.93 -9.62
C ALA A 389 13.34 20.27 -9.91
N MET A 390 14.58 20.24 -10.42
CA MET A 390 15.29 21.49 -10.73
C MET A 390 14.59 22.27 -11.84
N ARG A 391 14.05 21.58 -12.84
CA ARG A 391 13.55 22.23 -14.06
C ARG A 391 12.03 22.25 -14.16
N LYS A 392 11.33 21.65 -13.21
CA LYS A 392 9.86 21.56 -13.27
C LYS A 392 9.23 22.94 -13.35
N GLU A 393 8.35 23.14 -14.32
CA GLU A 393 7.77 24.44 -14.58
C GLU A 393 6.55 24.76 -13.72
N ASP A 394 5.73 23.75 -13.40
CA ASP A 394 4.45 23.99 -12.73
C ASP A 394 4.58 23.90 -11.22
N VAL A 395 5.53 24.64 -10.65
CA VAL A 395 5.73 24.69 -9.21
C VAL A 395 5.92 26.14 -8.81
N LYS A 396 5.77 26.41 -7.52
CA LYS A 396 5.94 27.76 -6.99
C LYS A 396 7.40 28.02 -6.66
N THR A 397 7.83 29.27 -6.89
CA THR A 397 9.22 29.65 -6.66
C THR A 397 9.27 30.92 -5.85
N GLU A 398 10.42 31.14 -5.21
CA GLU A 398 10.65 32.31 -4.37
C GLU A 398 12.13 32.64 -4.41
N VAL A 399 12.44 33.92 -4.45
CA VAL A 399 13.83 34.36 -4.38
C VAL A 399 14.15 34.68 -2.93
N ILE A 400 15.32 34.25 -2.47
CA ILE A 400 15.79 34.63 -1.14
C ILE A 400 17.19 35.22 -1.25
N GLU A 401 17.49 36.15 -0.35
CA GLU A 401 18.68 36.98 -0.44
C GLU A 401 19.76 36.59 0.57
N SER A 402 19.40 35.88 1.62
CA SER A 402 20.33 35.64 2.71
C SER A 402 19.87 34.42 3.48
N VAL A 403 20.83 33.67 4.03
CA VAL A 403 20.52 32.56 4.91
C VAL A 403 21.35 32.73 6.16
N LYS A 404 20.85 32.18 7.26
CA LYS A 404 21.60 32.11 8.50
C LYS A 404 22.36 30.80 8.51
N ALA A 405 23.69 30.88 8.60
CA ALA A 405 24.51 29.69 8.46
C ALA A 405 24.11 28.61 9.48
N GLY A 406 24.16 27.35 9.05
CA GLY A 406 23.83 26.28 9.98
C GLY A 406 23.93 24.94 9.30
N THR A 407 23.42 23.93 9.98
CA THR A 407 23.41 22.54 9.50
C THR A 407 22.06 21.95 9.85
N TRP A 408 21.82 20.70 9.43
CA TRP A 408 20.57 20.05 9.82
C TRP A 408 20.57 19.61 11.27
N PHE A 409 21.67 19.82 12.01
CA PHE A 409 21.63 19.62 13.47
C PHE A 409 21.16 20.92 14.10
N ASP A 410 19.85 21.05 14.30
CA ASP A 410 19.24 22.20 15.00
C ASP A 410 19.60 23.54 14.36
N GLY A 411 19.96 23.57 13.08
CA GLY A 411 20.35 24.80 12.41
C GLY A 411 21.68 25.38 12.84
N ASN A 412 22.55 24.60 13.49
CA ASN A 412 23.76 25.15 14.07
C ASN A 412 24.92 24.17 13.92
N PHE A 413 26.08 24.55 14.44
CA PHE A 413 27.31 23.79 14.26
C PHE A 413 27.80 23.09 15.53
N LEU A 414 26.96 22.97 16.56
CA LEU A 414 27.44 22.50 17.86
C LEU A 414 27.80 21.01 17.87
N LYS A 415 27.41 20.24 16.85
CA LYS A 415 27.84 18.85 16.84
C LYS A 415 29.31 18.70 16.49
N TRP A 416 29.95 19.75 15.97
CA TRP A 416 31.33 19.61 15.49
C TRP A 416 32.30 20.62 16.07
N ILE A 417 31.83 21.61 16.80
CA ILE A 417 32.70 22.63 17.36
C ILE A 417 31.99 23.16 18.59
N GLY A 418 32.77 23.61 19.56
CA GLY A 418 32.24 24.37 20.67
C GLY A 418 32.42 23.76 22.04
N ASN A 419 32.71 22.47 22.16
CA ASN A 419 33.09 21.97 23.46
C ASN A 419 34.61 21.81 23.50
N LYS A 420 35.13 21.58 24.70
CA LYS A 420 36.58 21.55 24.86
C LYS A 420 37.22 20.48 23.99
N GLU A 421 36.60 19.30 23.91
CA GLU A 421 37.28 18.23 23.18
C GLU A 421 37.20 18.43 21.67
N LYS A 422 36.04 18.80 21.13
CA LYS A 422 35.98 19.07 19.70
C LYS A 422 36.94 20.21 19.33
N ASN A 423 37.03 21.25 20.17
CA ASN A 423 37.90 22.36 19.83
C ASN A 423 39.36 21.95 19.81
N GLU A 424 39.75 20.99 20.66
CA GLU A 424 41.11 20.46 20.60
C GLU A 424 41.42 19.90 19.22
N TYR A 425 40.48 19.20 18.62
CA TYR A 425 40.72 18.64 17.29
C TYR A 425 40.89 19.75 16.25
N TRP A 426 40.06 20.78 16.34
CA TRP A 426 40.24 21.91 15.44
C TRP A 426 41.60 22.56 15.63
N LYS A 427 42.06 22.67 16.89
CA LYS A 427 43.38 23.21 17.13
C LYS A 427 44.45 22.35 16.46
N ILE A 428 44.33 21.03 16.58
CA ILE A 428 45.27 20.13 15.91
C ILE A 428 45.26 20.36 14.40
N LEU A 429 44.06 20.48 13.82
CA LEU A 429 43.95 20.71 12.38
C LEU A 429 44.52 22.06 12.00
N ILE A 430 44.24 23.10 12.79
CA ILE A 430 44.76 24.43 12.47
C ILE A 430 46.28 24.41 12.47
N GLU A 431 46.88 23.82 13.51
CA GLU A 431 48.34 23.80 13.57
C GLU A 431 48.92 22.96 12.45
N ALA A 432 48.26 21.84 12.11
CA ALA A 432 48.77 21.01 11.01
C ALA A 432 48.67 21.74 9.68
N LYS A 433 47.60 22.51 9.49
CA LYS A 433 47.43 23.24 8.24
C LYS A 433 48.57 24.23 7.98
N LYS A 434 49.12 24.85 9.05
CA LYS A 434 50.26 25.74 8.87
C LYS A 434 51.42 25.06 8.17
N LYS A 435 51.55 23.75 8.33
CA LYS A 435 52.72 23.01 7.85
C LYS A 435 52.35 21.93 6.83
N ALA A 436 51.13 21.97 6.29
CA ALA A 436 50.65 20.94 5.39
C ALA A 436 51.39 20.99 4.06
N LYS A 437 51.62 19.81 3.48
CA LYS A 437 52.31 19.72 2.19
C LYS A 437 51.59 18.88 1.16
N ASN A 438 50.47 18.26 1.50
CA ASN A 438 49.78 17.38 0.56
C ASN A 438 48.31 17.33 0.94
N ASP A 439 47.52 16.65 0.09
CA ASP A 439 46.07 16.69 0.25
C ASP A 439 45.57 15.83 1.39
N TYR A 440 46.43 15.19 2.17
CA TYR A 440 45.91 14.54 3.37
C TYR A 440 45.35 15.56 4.35
N ILE A 441 45.71 16.85 4.23
CA ILE A 441 45.06 17.83 5.08
C ILE A 441 43.58 17.94 4.72
N LEU A 442 43.22 17.73 3.44
CA LEU A 442 41.81 17.72 3.07
C LEU A 442 41.07 16.55 3.73
N VAL A 443 41.69 15.38 3.74
CA VAL A 443 41.08 14.22 4.40
C VAL A 443 40.71 14.56 5.84
N ALA A 444 41.64 15.19 6.56
CA ALA A 444 41.48 15.58 7.95
C ALA A 444 40.42 16.64 8.18
N GLU A 445 39.98 17.34 7.11
CA GLU A 445 38.96 18.36 7.25
C GLU A 445 37.55 17.77 7.19
N GLY A 446 37.41 16.45 7.05
CA GLY A 446 36.08 15.88 7.00
C GLY A 446 35.35 16.04 8.32
N SER A 447 34.02 16.18 8.22
CA SER A 447 33.21 16.37 9.43
C SER A 447 33.22 15.14 10.32
N ASP A 448 33.52 13.95 9.76
CA ASP A 448 33.49 12.71 10.52
C ASP A 448 34.44 12.70 11.70
N TRP A 449 35.48 13.52 11.66
CA TRP A 449 36.45 13.49 12.74
C TRP A 449 36.04 14.36 13.92
N PHE A 450 34.93 15.09 13.81
CA PHE A 450 34.57 16.07 14.83
C PHE A 450 33.25 15.79 15.56
N TRP A 451 32.44 14.82 15.13
CA TRP A 451 31.10 14.69 15.70
C TRP A 451 31.05 13.88 16.99
N TRP A 452 32.00 12.98 17.19
CA TRP A 452 31.88 12.01 18.27
C TRP A 452 32.46 12.50 19.59
N GLN A 453 33.27 13.53 19.57
CA GLN A 453 33.88 14.00 20.79
C GLN A 453 32.75 14.48 21.69
N GLY A 454 32.46 13.71 22.75
CA GLY A 454 31.35 14.05 23.64
C GLY A 454 30.15 13.13 23.52
N GLU A 455 30.03 12.40 22.41
CA GLU A 455 28.96 11.46 22.27
C GLU A 455 29.27 10.25 23.06
N GLU A 456 29.12 10.32 24.37
CA GLU A 456 29.31 9.11 25.11
C GLU A 456 28.38 8.17 24.41
N LYS A 457 28.76 6.94 24.25
CA LYS A 457 27.99 5.93 23.52
C LYS A 457 28.61 5.65 22.11
N ALA A 458 29.69 6.32 21.69
CA ALA A 458 30.19 6.10 20.30
C ALA A 458 31.21 4.98 20.16
N PRO A 459 30.87 3.97 19.36
CA PRO A 459 31.77 2.84 19.23
C PRO A 459 33.03 3.11 18.43
N PHE A 460 34.15 2.60 18.89
CA PHE A 460 35.42 2.68 18.16
C PHE A 460 35.97 4.12 18.05
N VAL A 461 35.68 5.01 19.01
CA VAL A 461 36.21 6.37 18.87
C VAL A 461 37.73 6.39 18.88
N GLU A 462 38.36 5.40 19.53
CA GLU A 462 39.82 5.34 19.50
C GLU A 462 40.33 5.14 18.08
N VAL A 463 39.57 4.44 17.24
CA VAL A 463 39.98 4.23 15.86
C VAL A 463 39.82 5.52 15.05
N PHE A 464 38.70 6.23 15.23
CA PHE A 464 38.54 7.52 14.57
C PHE A 464 39.65 8.48 14.98
N ASP A 465 40.05 8.45 16.27
CA ASP A 465 41.12 9.32 16.72
C ASP A 465 42.45 8.94 16.06
N LYS A 466 42.71 7.65 15.94
CA LYS A 466 43.93 7.19 15.27
C LYS A 466 43.94 7.60 13.80
N LEU A 467 42.80 7.49 13.12
CA LEU A 467 42.75 7.87 11.71
C LEU A 467 43.00 9.36 11.54
N PHE A 468 42.25 10.17 12.28
CA PHE A 468 42.41 11.63 12.18
C PHE A 468 43.85 12.04 12.41
N ARG A 469 44.43 11.59 13.49
CA ARG A 469 45.80 11.97 13.81
C ARG A 469 46.80 11.44 12.80
N SER A 470 46.56 10.25 12.23
CA SER A 470 47.44 9.73 11.20
C SER A 470 47.38 10.57 9.93
N PHE A 471 46.16 10.95 9.50
CA PHE A 471 46.01 11.83 8.35
C PHE A 471 46.71 13.18 8.58
N VAL A 472 46.55 13.74 9.78
CA VAL A 472 47.19 15.01 10.10
C VAL A 472 48.71 14.91 10.05
N ARG A 473 49.27 13.80 10.55
CA ARG A 473 50.72 13.68 10.46
C ARG A 473 51.17 13.45 9.03
N ARG A 474 50.44 12.62 8.29
CA ARG A 474 50.81 12.33 6.90
C ARG A 474 50.77 13.61 6.05
N ALA A 475 49.81 14.49 6.33
CA ALA A 475 49.67 15.75 5.60
C ALA A 475 50.91 16.62 5.69
N GLN A 476 51.77 16.42 6.69
CA GLN A 476 52.90 17.32 6.90
C GLN A 476 54.19 16.74 6.37
N GLU A 477 54.14 15.59 5.70
CA GLU A 477 55.34 14.96 5.18
C GLU A 477 55.45 15.17 3.67
N LYS B 2 2.51 -13.71 14.24
CA LYS B 2 1.37 -14.51 13.81
C LYS B 2 0.17 -13.63 13.50
N LYS B 3 -0.20 -13.57 12.23
CA LYS B 3 -1.30 -12.73 11.78
C LYS B 3 -2.57 -13.54 11.59
N LEU B 4 -3.70 -12.88 11.75
CA LEU B 4 -4.98 -13.35 11.21
C LEU B 4 -5.20 -12.62 9.89
N PHE B 5 -5.51 -13.38 8.84
CA PHE B 5 -5.76 -12.81 7.52
C PHE B 5 -7.25 -12.69 7.34
N LEU B 6 -7.74 -11.47 7.14
CA LEU B 6 -9.16 -11.18 7.01
C LEU B 6 -9.44 -10.80 5.56
N VAL B 7 -10.46 -11.40 4.96
CA VAL B 7 -10.79 -11.16 3.55
C VAL B 7 -12.26 -10.82 3.46
N PHE B 8 -12.57 -9.56 3.13
CA PHE B 8 -13.95 -9.15 2.88
C PHE B 8 -14.22 -9.36 1.40
N TRP B 9 -15.37 -9.96 1.06
CA TRP B 9 -15.73 -10.13 -0.34
C TRP B 9 -17.20 -9.72 -0.43
N TRP B 10 -17.42 -8.49 -0.90
CA TRP B 10 -18.75 -7.89 -0.95
C TRP B 10 -19.40 -8.22 -2.29
N HIS B 11 -20.52 -8.94 -2.26
CA HIS B 11 -21.17 -9.43 -3.47
C HIS B 11 -22.28 -8.46 -3.89
N MET B 12 -22.20 -7.99 -5.14
CA MET B 12 -23.15 -7.00 -5.65
C MET B 12 -23.89 -7.58 -6.85
N HIS B 13 -25.22 -7.55 -6.80
CA HIS B 13 -25.98 -8.18 -7.87
C HIS B 13 -27.38 -7.61 -7.94
N GLN B 14 -27.92 -7.53 -9.17
CA GLN B 14 -29.35 -7.30 -9.40
C GLN B 14 -29.75 -8.10 -10.63
N PRO B 15 -30.92 -8.76 -10.61
CA PRO B 15 -31.43 -9.38 -11.83
C PRO B 15 -31.85 -8.29 -12.80
N LEU B 16 -32.14 -8.72 -14.03
CA LEU B 16 -32.49 -7.78 -15.09
C LEU B 16 -33.94 -7.33 -14.90
N TYR B 17 -34.12 -6.08 -14.48
CA TYR B 17 -35.47 -5.52 -14.33
C TYR B 17 -36.01 -4.95 -15.62
N ARG B 18 -35.22 -4.97 -16.70
CA ARG B 18 -35.58 -4.34 -17.97
C ARG B 18 -36.51 -5.27 -18.75
N GLU B 19 -37.80 -4.93 -18.78
CA GLU B 19 -38.76 -5.71 -19.53
C GLU B 19 -38.40 -5.69 -21.01
N PRO B 20 -38.34 -6.85 -21.68
CA PRO B 20 -37.71 -6.89 -23.02
C PRO B 20 -38.56 -6.36 -24.15
N TYR B 21 -39.88 -6.25 -24.00
CA TYR B 21 -40.71 -5.75 -25.09
C TYR B 21 -40.90 -4.24 -25.03
N THR B 22 -41.04 -3.68 -23.83
CA THR B 22 -41.14 -2.24 -23.66
C THR B 22 -39.79 -1.60 -23.36
N GLY B 23 -38.79 -2.37 -22.96
CA GLY B 23 -37.51 -1.80 -22.55
C GLY B 23 -37.54 -1.05 -21.24
N GLU B 24 -38.64 -1.11 -20.50
CA GLU B 24 -38.79 -0.36 -19.26
C GLU B 24 -38.26 -1.17 -18.08
N TYR B 25 -37.53 -0.49 -17.20
CA TYR B 25 -37.12 -1.07 -15.92
C TYR B 25 -38.31 -1.03 -14.97
N LEU B 26 -38.82 -2.21 -14.63
CA LEU B 26 -40.09 -2.32 -13.90
C LEU B 26 -39.93 -2.14 -12.40
N LEU B 27 -38.71 -2.19 -11.90
CA LEU B 27 -38.41 -1.89 -10.50
C LEU B 27 -37.17 -1.02 -10.47
N PRO B 28 -37.05 -0.15 -9.47
CA PRO B 28 -35.92 0.79 -9.40
C PRO B 28 -34.74 0.31 -8.56
N TRP B 29 -34.70 -0.98 -8.18
CA TRP B 29 -33.72 -1.43 -7.19
C TRP B 29 -32.28 -1.28 -7.67
N THR B 30 -32.03 -1.43 -8.99
CA THR B 30 -30.68 -1.20 -9.47
C THR B 30 -30.29 0.27 -9.33
N PHE B 31 -31.18 1.18 -9.69
CA PHE B 31 -30.92 2.61 -9.50
C PHE B 31 -30.63 2.91 -8.03
N PHE B 32 -31.50 2.47 -7.11
CA PHE B 32 -31.35 2.89 -5.72
C PHE B 32 -30.12 2.26 -5.07
N HIS B 33 -29.80 1.02 -5.40
CA HIS B 33 -28.57 0.47 -4.84
C HIS B 33 -27.31 0.97 -5.53
N ALA B 34 -27.41 1.46 -6.77
CA ALA B 34 -26.26 2.12 -7.38
C ALA B 34 -25.98 3.45 -6.69
N VAL B 35 -27.01 4.28 -6.48
CA VAL B 35 -26.75 5.58 -5.85
C VAL B 35 -26.37 5.42 -4.39
N LYS B 36 -26.85 4.37 -3.72
CA LYS B 36 -26.58 4.25 -2.29
C LYS B 36 -25.36 3.38 -1.97
N ASP B 37 -25.15 2.29 -2.71
CA ASP B 37 -24.20 1.28 -2.28
C ASP B 37 -23.09 0.94 -3.28
N TYR B 38 -23.38 0.89 -4.59
CA TYR B 38 -22.41 0.27 -5.50
C TYR B 38 -21.20 1.16 -5.74
N TYR B 39 -21.36 2.47 -5.64
CA TYR B 39 -20.19 3.34 -5.65
C TYR B 39 -19.62 3.50 -4.24
N ASP B 40 -20.49 3.64 -3.25
CA ASP B 40 -20.06 4.04 -1.91
C ASP B 40 -19.34 2.94 -1.15
N MET B 41 -19.68 1.67 -1.40
CA MET B 41 -18.97 0.61 -0.68
C MET B 41 -17.50 0.55 -1.08
N PRO B 42 -17.11 0.49 -2.35
CA PRO B 42 -15.67 0.63 -2.66
C PRO B 42 -15.10 1.99 -2.29
N ALA B 43 -15.92 3.04 -2.28
CA ALA B 43 -15.39 4.36 -1.94
C ALA B 43 -14.91 4.45 -0.50
N TYR B 44 -15.29 3.51 0.38
CA TYR B 44 -14.69 3.51 1.72
C TYR B 44 -13.18 3.40 1.64
N LEU B 45 -12.65 2.78 0.57
CA LEU B 45 -11.21 2.59 0.42
C LEU B 45 -10.47 3.90 0.22
N LYS B 46 -11.16 4.98 -0.12
CA LYS B 46 -10.50 6.27 -0.18
C LYS B 46 -10.11 6.76 1.22
N ASP B 47 -10.84 6.34 2.25
CA ASP B 47 -10.67 6.87 3.58
C ASP B 47 -10.04 5.90 4.57
N PHE B 48 -10.07 4.60 4.29
CA PHE B 48 -9.57 3.58 5.18
C PHE B 48 -8.52 2.76 4.44
N GLU B 49 -7.36 2.58 5.07
CA GLU B 49 -6.22 1.97 4.40
C GLU B 49 -6.21 0.47 4.70
N ILE B 50 -7.23 -0.20 4.14
CA ILE B 50 -7.42 -1.63 4.26
C ILE B 50 -7.67 -2.18 2.86
N LYS B 51 -7.80 -3.51 2.78
CA LYS B 51 -8.16 -4.19 1.54
C LYS B 51 -9.61 -4.63 1.64
N LEU B 52 -10.37 -4.39 0.57
CA LEU B 52 -11.75 -4.85 0.45
C LEU B 52 -11.97 -5.38 -0.96
N ASN B 53 -12.63 -6.53 -1.09
CA ASN B 53 -12.84 -7.13 -2.39
C ASN B 53 -14.32 -7.11 -2.77
N PHE B 54 -14.58 -7.19 -4.08
CA PHE B 54 -15.92 -7.00 -4.60
C PHE B 54 -16.23 -7.99 -5.71
N ASN B 55 -17.46 -8.49 -5.71
CA ASN B 55 -18.00 -9.24 -6.83
C ASN B 55 -19.06 -8.38 -7.52
N LEU B 56 -18.95 -8.28 -8.84
CA LEU B 56 -19.95 -7.60 -9.66
C LEU B 56 -20.49 -8.61 -10.66
N THR B 57 -21.81 -8.88 -10.62
CA THR B 57 -22.35 -9.79 -11.63
C THR B 57 -22.47 -9.09 -12.98
N PRO B 58 -22.32 -9.82 -14.09
CA PRO B 58 -22.36 -9.15 -15.38
C PRO B 58 -23.70 -8.52 -15.69
N VAL B 59 -24.79 -9.14 -15.23
CA VAL B 59 -26.09 -8.53 -15.50
C VAL B 59 -26.25 -7.25 -14.69
N LEU B 60 -25.62 -7.14 -13.51
CA LEU B 60 -25.62 -5.86 -12.81
C LEU B 60 -24.83 -4.81 -13.58
N ILE B 61 -23.62 -5.17 -14.04
CA ILE B 61 -22.81 -4.24 -14.81
C ILE B 61 -23.59 -3.70 -16.00
N ASP B 62 -24.31 -4.57 -16.71
CA ASP B 62 -25.10 -4.14 -17.87
C ASP B 62 -26.05 -3.02 -17.49
N GLN B 63 -26.74 -3.16 -16.36
CA GLN B 63 -27.74 -2.15 -15.98
C GLN B 63 -27.08 -0.87 -15.49
N ILE B 64 -25.98 -0.96 -14.73
CA ILE B 64 -25.27 0.25 -14.34
C ILE B 64 -24.85 1.04 -15.59
N GLN B 65 -24.42 0.33 -16.64
CA GLN B 65 -24.04 1.01 -17.87
C GLN B 65 -25.23 1.71 -18.52
N GLU B 66 -26.40 1.06 -18.52
CA GLU B 66 -27.56 1.66 -19.16
C GLU B 66 -27.98 2.92 -18.42
N TYR B 67 -28.02 2.88 -17.08
CA TYR B 67 -28.34 4.07 -16.32
C TYR B 67 -27.30 5.16 -16.54
N ALA B 68 -26.02 4.78 -16.54
CA ALA B 68 -24.95 5.77 -16.70
C ALA B 68 -25.02 6.46 -18.05
N GLN B 69 -25.46 5.75 -19.08
CA GLN B 69 -25.55 6.34 -20.42
C GLN B 69 -26.86 7.09 -20.64
N GLY B 70 -27.74 7.13 -19.64
CA GLY B 70 -29.01 7.80 -19.80
C GLY B 70 -30.01 7.07 -20.66
N LYS B 71 -29.89 5.74 -20.76
CA LYS B 71 -30.76 4.93 -21.62
C LYS B 71 -31.83 4.18 -20.85
N ALA B 72 -31.72 4.07 -19.53
CA ALA B 72 -32.63 3.24 -18.76
C ALA B 72 -33.95 3.99 -18.56
N LYS B 73 -35.05 3.36 -18.97
CA LYS B 73 -36.39 3.89 -18.78
C LYS B 73 -36.96 3.23 -17.53
N ASP B 74 -36.88 3.92 -16.41
CA ASP B 74 -37.21 3.37 -15.10
C ASP B 74 -38.56 3.91 -14.66
N VAL B 75 -39.55 3.01 -14.53
CA VAL B 75 -40.94 3.42 -14.33
C VAL B 75 -41.11 4.15 -13.00
N PHE B 76 -40.63 3.55 -11.91
CA PHE B 76 -40.76 4.19 -10.61
C PHE B 76 -39.98 5.50 -10.55
N LEU B 77 -38.79 5.52 -11.16
CA LEU B 77 -38.01 6.75 -11.17
C LEU B 77 -38.72 7.86 -11.94
N GLU B 78 -39.43 7.50 -13.02
CA GLU B 78 -40.20 8.51 -13.75
C GLU B 78 -41.31 9.10 -12.89
N ALA B 79 -41.91 8.30 -12.00
CA ALA B 79 -42.91 8.81 -11.07
C ALA B 79 -42.29 9.73 -10.02
N ILE B 80 -40.99 9.60 -9.76
CA ILE B 80 -40.32 10.53 -8.86
C ILE B 80 -39.95 11.81 -9.60
N ARG B 81 -39.44 11.70 -10.83
CA ARG B 81 -38.90 12.87 -11.53
C ARG B 81 -39.99 13.86 -11.91
N LYS B 82 -41.17 13.37 -12.31
CA LYS B 82 -42.22 14.23 -12.83
C LYS B 82 -42.66 15.27 -11.80
N ASP B 83 -42.99 16.46 -12.28
CA ASP B 83 -43.79 17.38 -11.49
C ASP B 83 -45.07 16.66 -11.08
N PRO B 84 -45.49 16.74 -9.81
CA PRO B 84 -46.70 16.02 -9.40
C PRO B 84 -47.93 16.37 -10.23
N ASP B 85 -47.99 17.57 -10.80
CA ASP B 85 -49.09 17.93 -11.69
C ASP B 85 -49.14 17.05 -12.92
N ASP B 86 -48.01 16.46 -13.32
CA ASP B 86 -47.95 15.59 -14.48
C ASP B 86 -48.13 14.12 -14.14
N LEU B 87 -48.27 13.78 -12.85
CA LEU B 87 -48.34 12.37 -12.46
C LEU B 87 -49.67 11.75 -12.86
N GLU B 88 -49.60 10.56 -13.44
CA GLU B 88 -50.78 9.75 -13.61
C GLU B 88 -51.24 9.22 -12.24
N LYS B 89 -52.54 8.93 -12.15
CA LYS B 89 -53.05 8.30 -10.94
C LYS B 89 -52.27 7.05 -10.60
N GLU B 90 -51.96 6.23 -11.62
CA GLU B 90 -51.19 5.01 -11.39
C GLU B 90 -49.81 5.30 -10.81
N GLU B 91 -49.24 6.46 -11.16
CA GLU B 91 -47.90 6.79 -10.68
C GLU B 91 -47.94 7.27 -9.23
N VAL B 92 -48.98 8.02 -8.85
CA VAL B 92 -49.15 8.39 -7.45
C VAL B 92 -49.30 7.12 -6.60
N GLU B 93 -50.08 6.15 -7.11
CA GLU B 93 -50.21 4.86 -6.43
C GLU B 93 -48.85 4.21 -6.21
N LYS B 94 -48.04 4.12 -7.27
CA LYS B 94 -46.73 3.50 -7.13
C LYS B 94 -45.87 4.24 -6.10
N LEU B 95 -45.94 5.57 -6.08
CA LEU B 95 -45.13 6.34 -5.13
C LEU B 95 -45.51 6.00 -3.70
N ILE B 96 -46.81 6.04 -3.40
CA ILE B 96 -47.28 5.73 -2.06
C ILE B 96 -46.96 4.29 -1.70
N GLU B 97 -47.18 3.38 -2.65
CA GLU B 97 -46.89 1.97 -2.40
C GLU B 97 -45.42 1.76 -2.05
N PHE B 98 -44.51 2.39 -2.82
CA PHE B 98 -43.09 2.24 -2.56
C PHE B 98 -42.71 2.80 -1.20
N THR B 99 -43.29 3.96 -0.82
CA THR B 99 -43.01 4.52 0.49
C THR B 99 -43.48 3.58 1.60
N LYS B 100 -44.69 3.04 1.46
CA LYS B 100 -45.24 2.15 2.48
C LYS B 100 -44.34 0.94 2.70
N LEU B 101 -43.78 0.38 1.62
CA LEU B 101 -42.98 -0.82 1.77
C LEU B 101 -41.66 -0.53 2.48
N ASN B 102 -41.12 0.67 2.32
CA ASN B 102 -39.83 1.03 2.88
C ASN B 102 -39.96 1.81 4.19
N TYR B 103 -41.20 2.09 4.60
CA TYR B 103 -41.49 3.11 5.61
C TYR B 103 -40.77 2.83 6.92
N GLU B 104 -40.64 1.56 7.31
CA GLU B 104 -40.13 1.24 8.63
C GLU B 104 -38.61 1.11 8.66
N LYS B 105 -37.95 1.21 7.52
CA LYS B 105 -36.50 1.09 7.49
C LYS B 105 -35.86 2.35 8.07
N PRO B 106 -34.74 2.22 8.78
CA PRO B 106 -34.11 3.42 9.37
C PRO B 106 -33.74 4.51 8.37
N ILE B 107 -33.40 4.16 7.13
CA ILE B 107 -33.05 5.21 6.18
C ILE B 107 -34.25 6.04 5.75
N TYR B 108 -35.46 5.58 6.05
CA TYR B 108 -36.67 6.35 5.77
C TYR B 108 -37.18 7.13 6.99
N ARG B 109 -36.37 7.32 8.02
CA ARG B 109 -36.83 8.00 9.23
C ARG B 109 -36.72 9.51 9.02
N PHE B 110 -37.69 10.05 8.30
CA PHE B 110 -37.91 11.49 8.15
C PHE B 110 -39.28 11.80 8.74
N GLU B 111 -39.35 12.79 9.63
CA GLU B 111 -40.63 13.18 10.21
C GLU B 111 -41.64 13.57 9.14
N ARG B 112 -41.16 14.22 8.08
CA ARG B 112 -42.08 14.64 7.02
C ARG B 112 -42.73 13.44 6.36
N ILE B 113 -42.02 12.31 6.26
CA ILE B 113 -42.60 11.13 5.63
C ILE B 113 -43.74 10.57 6.48
N ARG B 114 -43.58 10.57 7.81
CA ARG B 114 -44.67 10.15 8.68
C ARG B 114 -45.85 11.10 8.58
N GLU B 115 -45.57 12.39 8.44
CA GLU B 115 -46.63 13.37 8.21
C GLU B 115 -47.42 13.01 6.96
N LEU B 116 -46.72 12.88 5.82
CA LEU B 116 -47.37 12.68 4.53
C LEU B 116 -48.17 11.39 4.51
N MET B 117 -47.64 10.33 5.13
CA MET B 117 -48.29 9.03 5.05
C MET B 117 -49.53 8.93 5.92
N ASN B 118 -49.74 9.86 6.84
CA ASN B 118 -50.95 9.92 7.65
C ASN B 118 -51.99 10.90 7.11
N LYS B 119 -51.78 11.30 5.86
CA LYS B 119 -52.70 12.19 5.22
C LYS B 119 -53.49 11.36 4.21
N GLU B 120 -54.73 11.78 3.92
CA GLU B 120 -55.58 11.00 3.02
C GLU B 120 -55.46 11.54 1.63
N LYS B 121 -55.11 12.80 1.52
CA LYS B 121 -54.94 13.39 0.21
C LYS B 121 -53.70 14.21 0.19
N LEU B 122 -52.99 14.15 -0.94
CA LEU B 122 -51.74 14.88 -1.01
C LEU B 122 -51.79 15.90 -2.16
N ASN B 123 -51.47 17.15 -1.84
CA ASN B 123 -51.42 18.19 -2.86
C ASN B 123 -50.05 18.17 -3.55
N ARG B 124 -49.84 19.09 -4.48
CA ARG B 124 -48.61 19.08 -5.27
C ARG B 124 -47.38 19.19 -4.38
N GLU B 125 -47.42 20.12 -3.43
CA GLU B 125 -46.23 20.37 -2.60
C GLU B 125 -45.94 19.18 -1.70
N GLU B 126 -46.99 18.53 -1.21
CA GLU B 126 -46.79 17.33 -0.40
C GLU B 126 -46.25 16.18 -1.24
N LEU B 127 -46.71 16.04 -2.49
CA LEU B 127 -46.18 15.01 -3.36
C LEU B 127 -44.74 15.28 -3.73
N LEU B 128 -44.37 16.55 -3.93
CA LEU B 128 -42.98 16.88 -4.20
C LEU B 128 -42.10 16.47 -3.04
N ASP B 129 -42.57 16.66 -1.80
CA ASP B 129 -41.82 16.20 -0.64
C ASP B 129 -41.72 14.68 -0.62
N LEU B 130 -42.83 13.99 -0.91
CA LEU B 130 -42.80 12.53 -0.95
C LEU B 130 -41.80 12.04 -1.99
N GLN B 131 -41.83 12.63 -3.19
CA GLN B 131 -40.87 12.26 -4.23
C GLN B 131 -39.43 12.50 -3.78
N THR B 132 -39.16 13.70 -3.26
CA THR B 132 -37.78 14.07 -2.92
C THR B 132 -37.28 13.26 -1.73
N LEU B 133 -38.12 13.05 -0.72
CA LEU B 133 -37.67 12.30 0.44
C LEU B 133 -37.43 10.82 0.11
N ASN B 134 -38.19 10.26 -0.82
CA ASN B 134 -37.86 8.91 -1.28
C ASN B 134 -36.46 8.88 -1.85
N LEU B 135 -36.11 9.90 -2.66
CA LEU B 135 -34.76 9.99 -3.19
C LEU B 135 -33.74 10.10 -2.07
N LEU B 136 -33.95 11.04 -1.14
CA LEU B 136 -32.95 11.33 -0.12
C LEU B 136 -32.76 10.15 0.83
N ALA B 137 -33.78 9.31 1.01
CA ALA B 137 -33.62 8.14 1.87
C ALA B 137 -32.53 7.20 1.37
N TRP B 138 -32.31 7.17 0.05
CA TRP B 138 -31.28 6.31 -0.54
C TRP B 138 -29.97 7.06 -0.79
N CYS B 139 -29.78 8.21 -0.16
CA CYS B 139 -28.53 8.93 -0.33
C CYS B 139 -27.38 8.09 0.23
N GLY B 140 -26.31 7.95 -0.55
CA GLY B 140 -25.14 7.23 -0.10
C GLY B 140 -24.18 8.09 0.70
N ARG B 141 -23.14 7.43 1.23
CA ARG B 141 -22.23 8.11 2.14
C ARG B 141 -21.56 9.31 1.50
N THR B 142 -21.12 9.18 0.25
CA THR B 142 -20.40 10.28 -0.40
C THR B 142 -21.25 11.54 -0.51
N LEU B 143 -22.51 11.42 -0.91
CA LEU B 143 -23.28 12.62 -1.22
C LEU B 143 -23.89 13.29 0.01
N ARG B 144 -23.68 12.76 1.21
CA ARG B 144 -24.25 13.38 2.40
C ARG B 144 -23.74 14.80 2.61
N LYS B 145 -22.51 15.10 2.18
CA LYS B 145 -22.01 16.46 2.35
C LYS B 145 -22.58 17.41 1.30
N ASP B 146 -22.53 17.02 0.03
CA ASP B 146 -23.11 17.88 -1.00
C ASP B 146 -24.59 18.12 -0.77
N LEU B 147 -25.32 17.12 -0.25
CA LEU B 147 -26.76 17.22 -0.09
C LEU B 147 -27.18 17.57 1.34
N LYS B 148 -26.22 17.92 2.21
CA LYS B 148 -26.56 18.21 3.61
C LYS B 148 -27.62 19.30 3.74
N ASP B 149 -27.55 20.33 2.90
CA ASP B 149 -28.54 21.39 2.95
C ASP B 149 -29.95 20.84 2.75
N LEU B 150 -30.12 20.01 1.72
CA LEU B 150 -31.43 19.41 1.47
C LEU B 150 -31.82 18.42 2.55
N LEU B 151 -30.87 17.62 3.05
CA LEU B 151 -31.16 16.74 4.18
C LEU B 151 -31.56 17.53 5.42
N ASN B 152 -30.87 18.65 5.69
CA ASN B 152 -31.25 19.51 6.80
C ASN B 152 -32.65 20.07 6.63
N LYS B 153 -33.03 20.40 5.39
CA LYS B 153 -34.33 21.02 5.13
C LYS B 153 -35.48 20.12 5.61
N GLY B 154 -35.49 18.87 5.17
CA GLY B 154 -36.43 17.87 5.67
C GLY B 154 -37.83 17.95 5.08
N ARG B 155 -38.19 19.02 4.39
CA ARG B 155 -39.55 19.24 3.90
C ARG B 155 -39.53 20.41 2.93
N ASN B 156 -40.66 20.62 2.25
CA ASN B 156 -40.89 21.81 1.40
C ASN B 156 -39.87 21.89 0.26
N TYR B 157 -39.73 20.79 -0.45
CA TYR B 157 -38.78 20.71 -1.57
C TYR B 157 -39.39 21.28 -2.84
N THR B 158 -38.52 21.74 -3.74
CA THR B 158 -38.94 22.25 -5.02
C THR B 158 -38.60 21.24 -6.12
N GLN B 159 -39.26 21.41 -7.25
CA GLN B 159 -38.96 20.58 -8.42
C GLN B 159 -37.51 20.72 -8.82
N GLU B 160 -36.96 21.93 -8.71
CA GLU B 160 -35.55 22.18 -9.03
C GLU B 160 -34.61 21.48 -8.06
N GLU B 161 -34.93 21.52 -6.76
CA GLU B 161 -34.09 20.81 -5.79
C GLU B 161 -34.13 19.31 -6.01
N LYS B 162 -35.32 18.75 -6.29
CA LYS B 162 -35.41 17.33 -6.61
C LYS B 162 -34.58 17.01 -7.84
N GLU B 163 -34.60 17.88 -8.84
CA GLU B 163 -33.80 17.68 -10.04
C GLU B 163 -32.31 17.69 -9.74
N TYR B 164 -31.89 18.56 -8.82
CA TYR B 164 -30.47 18.57 -8.43
C TYR B 164 -30.07 17.23 -7.82
N VAL B 165 -30.90 16.68 -6.93
CA VAL B 165 -30.60 15.39 -6.34
C VAL B 165 -30.42 14.33 -7.42
N LEU B 166 -31.31 14.33 -8.41
CA LEU B 166 -31.24 13.36 -9.49
C LEU B 166 -29.96 13.51 -10.30
N ASN B 167 -29.55 14.76 -10.56
CA ASN B 167 -28.32 14.97 -11.31
C ASN B 167 -27.12 14.43 -10.54
N LYS B 168 -27.04 14.73 -9.24
CA LYS B 168 -25.93 14.22 -8.43
C LYS B 168 -25.95 12.68 -8.35
N TYR B 169 -27.15 12.10 -8.27
CA TYR B 169 -27.25 10.64 -8.23
C TYR B 169 -26.72 10.02 -9.52
N PHE B 170 -27.11 10.57 -10.66
CA PHE B 170 -26.62 10.03 -11.93
C PHE B 170 -25.13 10.25 -12.09
N GLU B 171 -24.61 11.34 -11.53
CA GLU B 171 -23.16 11.52 -11.49
C GLU B 171 -22.49 10.37 -10.76
N ILE B 172 -23.05 9.93 -9.63
CA ILE B 172 -22.49 8.81 -8.88
C ILE B 172 -22.50 7.54 -9.74
N ILE B 173 -23.63 7.27 -10.40
CA ILE B 173 -23.73 6.09 -11.25
C ILE B 173 -22.68 6.14 -12.37
N LYS B 174 -22.47 7.30 -12.98
CA LYS B 174 -21.54 7.41 -14.10
C LYS B 174 -20.09 7.15 -13.69
N LYS B 175 -19.75 7.33 -12.42
CA LYS B 175 -18.40 7.08 -11.93
C LYS B 175 -18.26 5.73 -11.23
N THR B 176 -19.29 4.89 -11.31
CA THR B 176 -19.29 3.68 -10.47
C THR B 176 -18.32 2.64 -11.00
N LEU B 177 -18.35 2.34 -12.30
CA LEU B 177 -17.40 1.36 -12.80
C LEU B 177 -15.96 1.88 -12.69
N SER B 178 -15.77 3.19 -12.85
CA SER B 178 -14.45 3.78 -12.72
C SER B 178 -13.85 3.51 -11.33
N ILE B 179 -14.67 3.58 -10.28
CA ILE B 179 -14.07 3.42 -8.95
C ILE B 179 -13.64 1.98 -8.73
N TYR B 180 -14.32 1.01 -9.35
CA TYR B 180 -13.86 -0.37 -9.29
C TYR B 180 -12.55 -0.54 -10.05
N ARG B 181 -12.44 0.12 -11.22
CA ARG B 181 -11.15 0.09 -11.91
C ARG B 181 -10.06 0.71 -11.04
N GLU B 182 -10.39 1.80 -10.35
CA GLU B 182 -9.40 2.54 -9.57
C GLU B 182 -8.88 1.71 -8.40
N ILE B 183 -9.78 1.17 -7.57
CA ILE B 183 -9.30 0.43 -6.40
C ILE B 183 -8.56 -0.82 -6.83
N LYS B 184 -8.90 -1.37 -7.99
CA LYS B 184 -8.16 -2.51 -8.52
C LYS B 184 -6.75 -2.11 -8.93
N GLU B 185 -6.62 -0.98 -9.64
CA GLU B 185 -5.32 -0.53 -10.11
C GLU B 185 -4.42 -0.10 -8.97
N GLU B 186 -4.99 0.41 -7.89
CA GLU B 186 -4.24 0.88 -6.74
C GLU B 186 -3.92 -0.23 -5.75
N GLY B 187 -4.30 -1.48 -6.07
CA GLY B 187 -4.03 -2.60 -5.20
C GLY B 187 -4.83 -2.62 -3.93
N LYS B 188 -5.95 -1.90 -3.88
CA LYS B 188 -6.74 -1.85 -2.67
C LYS B 188 -7.79 -2.94 -2.61
N GLY B 189 -8.06 -3.62 -3.71
CA GLY B 189 -9.00 -4.72 -3.71
C GLY B 189 -8.99 -5.47 -5.02
N SER B 190 -9.41 -6.72 -4.95
CA SER B 190 -9.65 -7.51 -6.15
C SER B 190 -11.13 -7.42 -6.52
N VAL B 191 -11.42 -7.56 -7.80
CA VAL B 191 -12.79 -7.59 -8.30
C VAL B 191 -13.03 -8.92 -9.00
N SER B 192 -14.09 -9.61 -8.61
CA SER B 192 -14.48 -10.87 -9.23
C SER B 192 -15.77 -10.67 -10.02
N THR B 193 -16.23 -11.73 -10.70
CA THR B 193 -17.57 -11.73 -11.26
C THR B 193 -18.19 -13.10 -11.03
N SER B 194 -19.43 -13.29 -11.48
CA SER B 194 -20.17 -14.53 -11.35
C SER B 194 -20.65 -14.92 -12.74
N PRO B 195 -21.00 -16.19 -12.96
CA PRO B 195 -21.70 -16.55 -14.20
C PRO B 195 -22.87 -15.59 -14.46
N TYR B 196 -23.10 -15.32 -15.74
CA TYR B 196 -23.62 -14.03 -16.20
C TYR B 196 -24.90 -13.61 -15.48
N TYR B 197 -25.92 -14.46 -15.49
CA TYR B 197 -27.19 -14.05 -14.93
C TYR B 197 -27.45 -14.66 -13.56
N HIS B 198 -26.38 -14.98 -12.82
CA HIS B 198 -26.48 -15.47 -11.44
C HIS B 198 -27.35 -16.74 -11.37
N PRO B 199 -27.10 -17.76 -12.20
CA PRO B 199 -27.88 -19.00 -12.11
C PRO B 199 -27.29 -19.95 -11.07
N LEU B 200 -28.06 -21.01 -10.78
CA LEU B 200 -27.57 -22.12 -9.96
C LEU B 200 -26.87 -23.10 -10.88
N ILE B 201 -25.56 -22.89 -11.06
CA ILE B 201 -24.77 -23.74 -11.95
C ILE B 201 -24.92 -25.23 -11.65
N PRO B 202 -24.86 -25.69 -10.39
CA PRO B 202 -24.95 -27.14 -10.17
C PRO B 202 -26.23 -27.78 -10.67
N ILE B 203 -27.35 -27.03 -10.67
CA ILE B 203 -28.60 -27.57 -11.19
C ILE B 203 -28.58 -27.61 -12.71
N LEU B 204 -28.04 -26.56 -13.35
CA LEU B 204 -27.96 -26.54 -14.80
C LEU B 204 -27.09 -27.67 -15.33
N LEU B 205 -26.03 -28.03 -14.60
CA LEU B 205 -25.18 -29.14 -15.05
C LEU B 205 -25.85 -30.47 -14.78
N ASN B 206 -26.47 -30.63 -13.63
CA ASN B 206 -27.03 -31.91 -13.25
C ASN B 206 -28.09 -31.72 -12.17
N PRO B 207 -29.36 -31.65 -12.55
CA PRO B 207 -30.41 -31.42 -11.53
C PRO B 207 -30.43 -32.48 -10.45
N ASN B 208 -29.93 -33.69 -10.72
CA ASN B 208 -29.94 -34.74 -9.72
C ASN B 208 -29.04 -34.42 -8.53
N CYS B 209 -28.23 -33.35 -8.59
CA CYS B 209 -27.40 -33.02 -7.45
C CYS B 209 -28.23 -32.61 -6.24
N VAL B 210 -29.52 -32.30 -6.40
CA VAL B 210 -30.35 -31.94 -5.25
C VAL B 210 -30.47 -33.10 -4.27
N TYR B 211 -30.37 -34.34 -4.77
CA TYR B 211 -30.57 -35.49 -3.90
C TYR B 211 -29.39 -35.74 -2.98
N GLU B 212 -28.27 -35.07 -3.20
CA GLU B 212 -27.12 -35.25 -2.33
C GLU B 212 -27.40 -34.77 -0.92
N THR B 213 -28.22 -33.73 -0.76
CA THR B 213 -28.62 -33.24 0.55
C THR B 213 -30.09 -33.42 0.86
N THR B 214 -30.96 -33.46 -0.15
CA THR B 214 -32.40 -33.66 0.06
C THR B 214 -32.88 -34.80 -0.83
N PRO B 215 -32.60 -36.05 -0.45
CA PRO B 215 -32.90 -37.18 -1.34
C PRO B 215 -34.39 -37.45 -1.57
N ASN B 216 -35.28 -36.90 -0.74
CA ASN B 216 -36.71 -37.12 -0.88
C ASN B 216 -37.45 -36.00 -1.58
N VAL B 217 -36.74 -34.93 -1.98
CA VAL B 217 -37.38 -33.82 -2.66
C VAL B 217 -37.96 -34.30 -3.99
N LYS B 218 -38.99 -33.60 -4.46
CA LYS B 218 -39.51 -33.86 -5.80
C LYS B 218 -39.32 -32.61 -6.64
N ILE B 219 -38.70 -32.79 -7.81
CA ILE B 219 -38.42 -31.68 -8.71
C ILE B 219 -39.08 -32.01 -10.05
N PRO B 220 -39.20 -31.04 -10.94
CA PRO B 220 -39.71 -31.36 -12.28
C PRO B 220 -38.80 -32.31 -13.03
N ASP B 221 -39.32 -32.82 -14.14
CA ASP B 221 -38.57 -33.65 -15.06
C ASP B 221 -37.79 -32.74 -16.01
N PHE B 222 -36.46 -32.71 -15.88
CA PHE B 222 -35.65 -31.89 -16.77
C PHE B 222 -35.48 -32.63 -18.09
N ALA B 223 -36.43 -32.42 -19.00
CA ALA B 223 -36.48 -33.07 -20.32
C ALA B 223 -35.55 -32.43 -21.33
N VAL B 224 -34.73 -31.47 -20.93
CA VAL B 224 -33.79 -30.81 -21.82
C VAL B 224 -32.51 -30.59 -21.05
N SER B 225 -31.39 -30.51 -21.77
CA SER B 225 -30.09 -30.31 -21.14
C SER B 225 -29.80 -28.83 -20.99
N PHE B 226 -29.33 -28.44 -19.81
CA PHE B 226 -28.92 -27.07 -19.51
C PHE B 226 -27.40 -26.95 -19.40
N ARG B 227 -26.67 -28.00 -19.76
CA ARG B 227 -25.24 -28.05 -19.50
C ARG B 227 -24.47 -27.01 -20.33
N GLU B 228 -24.83 -26.85 -21.62
CA GLU B 228 -24.14 -25.83 -22.42
C GLU B 228 -24.46 -24.43 -21.94
N ASP B 229 -25.71 -24.19 -21.52
CA ASP B 229 -26.04 -22.89 -20.93
C ASP B 229 -25.17 -22.57 -19.72
N ALA B 230 -24.92 -23.58 -18.88
CA ALA B 230 -24.05 -23.36 -17.73
C ALA B 230 -22.68 -22.85 -18.18
N SER B 231 -22.13 -23.51 -19.20
CA SER B 231 -20.84 -23.10 -19.74
C SER B 231 -20.94 -21.70 -20.34
N LYS B 232 -22.07 -21.40 -21.00
CA LYS B 232 -22.24 -20.08 -21.58
C LYS B 232 -22.27 -18.98 -20.53
N HIS B 233 -22.96 -19.23 -19.40
CA HIS B 233 -22.99 -18.25 -18.32
C HIS B 233 -21.58 -17.88 -17.87
N VAL B 234 -20.71 -18.89 -17.75
CA VAL B 234 -19.35 -18.64 -17.26
C VAL B 234 -18.53 -17.92 -18.33
N GLU B 235 -18.58 -18.40 -19.58
CA GLU B 235 -17.76 -17.79 -20.63
C GLU B 235 -18.22 -16.36 -20.93
N LEU B 236 -19.54 -16.13 -20.98
CA LEU B 236 -20.03 -14.78 -21.26
C LEU B 236 -19.65 -13.82 -20.13
N ALA B 237 -19.65 -14.30 -18.89
CA ALA B 237 -19.22 -13.49 -17.75
C ALA B 237 -17.75 -13.13 -17.87
N LYS B 238 -16.90 -14.11 -18.22
CA LYS B 238 -15.49 -13.82 -18.45
C LYS B 238 -15.35 -12.72 -19.49
N GLU B 239 -16.14 -12.78 -20.56
CA GLU B 239 -16.06 -11.79 -21.63
C GLU B 239 -16.51 -10.41 -21.15
N LYS B 240 -17.61 -10.34 -20.40
CA LYS B 240 -18.11 -9.06 -19.91
C LYS B 240 -17.11 -8.41 -18.96
N TYR B 241 -16.54 -9.19 -18.05
CA TYR B 241 -15.54 -8.66 -17.14
C TYR B 241 -14.31 -8.19 -17.90
N PHE B 242 -13.94 -8.90 -18.97
CA PHE B 242 -12.81 -8.49 -19.81
C PHE B 242 -13.06 -7.13 -20.45
N GLU B 243 -14.30 -6.88 -20.87
CA GLU B 243 -14.62 -5.60 -21.51
C GLU B 243 -14.51 -4.44 -20.54
N ILE B 244 -14.83 -4.65 -19.26
CA ILE B 244 -14.79 -3.59 -18.27
C ILE B 244 -13.36 -3.36 -17.77
N PHE B 245 -12.62 -4.44 -17.49
CA PHE B 245 -11.37 -4.33 -16.76
C PHE B 245 -10.14 -4.69 -17.59
N GLY B 246 -10.32 -5.19 -18.80
CA GLY B 246 -9.16 -5.50 -19.62
C GLY B 246 -8.35 -6.67 -19.13
N GLU B 247 -8.96 -7.52 -18.30
CA GLU B 247 -8.34 -8.73 -17.83
C GLU B 247 -9.40 -9.81 -17.76
N HIS B 248 -9.00 -11.05 -17.96
CA HIS B 248 -9.95 -12.11 -17.69
C HIS B 248 -10.03 -12.38 -16.19
N PRO B 249 -11.20 -12.76 -15.67
CA PRO B 249 -11.35 -12.91 -14.22
C PRO B 249 -10.68 -14.20 -13.73
N VAL B 250 -9.83 -14.06 -12.71
CA VAL B 250 -9.16 -15.18 -12.05
C VAL B 250 -9.99 -15.76 -10.91
N TYR B 251 -10.92 -14.99 -10.35
CA TYR B 251 -11.77 -15.41 -9.25
C TYR B 251 -13.22 -15.22 -9.65
N MET B 252 -14.07 -16.12 -9.18
CA MET B 252 -15.50 -15.98 -9.34
C MET B 252 -16.19 -16.28 -8.02
N TRP B 253 -17.30 -15.60 -7.79
CA TRP B 253 -18.21 -15.93 -6.71
C TRP B 253 -19.31 -16.79 -7.29
N PRO B 254 -19.47 -18.05 -6.88
CA PRO B 254 -20.56 -18.86 -7.40
C PRO B 254 -21.88 -18.41 -6.80
N PRO B 255 -22.87 -18.12 -7.65
CA PRO B 255 -24.15 -17.62 -7.14
C PRO B 255 -24.71 -18.49 -6.03
N GLU B 256 -25.18 -17.84 -4.96
CA GLU B 256 -25.70 -18.51 -3.76
C GLU B 256 -24.67 -19.45 -3.14
N ALA B 257 -23.38 -19.15 -3.35
CA ALA B 257 -22.28 -19.99 -2.88
C ALA B 257 -22.35 -21.41 -3.45
N SER B 258 -23.07 -21.59 -4.56
CA SER B 258 -23.47 -22.93 -4.94
C SER B 258 -22.34 -23.66 -5.63
N VAL B 259 -22.02 -24.86 -5.15
CA VAL B 259 -20.99 -25.68 -5.75
C VAL B 259 -21.47 -27.13 -5.75
N SER B 260 -20.79 -27.92 -6.59
CA SER B 260 -20.92 -29.36 -6.72
C SER B 260 -19.61 -29.80 -7.36
N ASN B 261 -19.38 -31.13 -7.37
CA ASN B 261 -18.16 -31.61 -8.02
C ASN B 261 -18.10 -31.19 -9.48
N GLU B 262 -19.23 -31.29 -10.20
CA GLU B 262 -19.24 -30.92 -11.61
C GLU B 262 -19.08 -29.41 -11.80
N ALA B 263 -19.72 -28.61 -10.95
CA ALA B 263 -19.55 -27.17 -11.06
C ALA B 263 -18.10 -26.77 -10.84
N LEU B 264 -17.45 -27.34 -9.82
CA LEU B 264 -16.04 -27.04 -9.58
C LEU B 264 -15.18 -27.38 -10.80
N GLU B 265 -15.44 -28.52 -11.46
CA GLU B 265 -14.68 -28.84 -12.66
C GLU B 265 -14.99 -27.87 -13.80
N LEU B 266 -16.24 -27.40 -13.92
CA LEU B 266 -16.54 -26.42 -14.96
C LEU B 266 -15.77 -25.11 -14.72
N TYR B 267 -15.78 -24.60 -13.49
CA TYR B 267 -15.01 -23.41 -13.19
C TYR B 267 -13.53 -23.60 -13.52
N TYR B 268 -12.95 -24.74 -13.12
CA TYR B 268 -11.57 -25.05 -13.46
C TYR B 268 -11.38 -25.11 -14.97
N GLU B 269 -12.27 -25.82 -15.68
CA GLU B 269 -12.15 -25.94 -17.13
C GLU B 269 -12.18 -24.57 -17.80
N LYS B 270 -12.92 -23.63 -17.24
CA LYS B 270 -12.99 -22.28 -17.79
C LYS B 270 -11.88 -21.37 -17.27
N GLY B 271 -10.89 -21.91 -16.58
CA GLY B 271 -9.75 -21.12 -16.18
C GLY B 271 -9.91 -20.30 -14.92
N ILE B 272 -10.93 -20.57 -14.11
CA ILE B 272 -11.06 -19.88 -12.82
C ILE B 272 -10.10 -20.53 -11.84
N ASN B 273 -9.28 -19.71 -11.17
CA ASN B 273 -8.24 -20.20 -10.29
C ASN B 273 -8.69 -20.30 -8.85
N MET B 274 -9.64 -19.47 -8.43
CA MET B 274 -10.13 -19.56 -7.06
C MET B 274 -11.58 -19.13 -6.99
N LEU B 275 -12.31 -19.75 -6.05
CA LEU B 275 -13.64 -19.30 -5.70
C LEU B 275 -13.81 -19.48 -4.20
N ALA B 276 -14.94 -19.00 -3.69
CA ALA B 276 -15.31 -19.28 -2.31
C ALA B 276 -16.71 -19.87 -2.28
N THR B 277 -17.04 -20.52 -1.17
CA THR B 277 -18.38 -21.06 -0.96
C THR B 277 -18.63 -21.04 0.53
N ASP B 278 -19.60 -21.83 1.00
CA ASP B 278 -20.16 -21.65 2.32
C ASP B 278 -19.67 -22.71 3.31
N GLU B 279 -19.66 -22.32 4.59
CA GLU B 279 -19.23 -23.22 5.65
C GLU B 279 -20.11 -24.46 5.79
N VAL B 280 -21.42 -24.34 5.55
CA VAL B 280 -22.30 -25.50 5.71
C VAL B 280 -21.93 -26.57 4.69
N ILE B 281 -21.57 -26.14 3.47
CA ILE B 281 -21.12 -27.10 2.47
C ILE B 281 -19.84 -27.78 2.93
N LEU B 282 -18.92 -27.02 3.52
CA LEU B 282 -17.68 -27.60 4.03
C LEU B 282 -17.99 -28.68 5.05
N LYS B 283 -18.89 -28.37 6.00
CA LYS B 283 -19.25 -29.33 7.04
C LYS B 283 -19.93 -30.56 6.46
N ASN B 284 -20.70 -30.38 5.38
CA ASN B 284 -21.36 -31.50 4.73
C ASN B 284 -20.40 -32.35 3.93
N SER B 285 -19.23 -31.82 3.58
CA SER B 285 -18.32 -32.43 2.63
C SER B 285 -17.07 -33.02 3.28
N VAL B 286 -16.55 -32.38 4.33
CA VAL B 286 -15.33 -32.79 5.00
C VAL B 286 -15.63 -32.93 6.48
N GLU B 287 -15.20 -34.03 7.08
CA GLU B 287 -15.74 -34.35 8.40
C GLU B 287 -15.11 -33.50 9.51
N ARG B 288 -13.81 -33.30 9.46
CA ARG B 288 -13.11 -32.56 10.50
C ARG B 288 -12.43 -31.37 9.82
N ALA B 289 -13.21 -30.31 9.60
CA ALA B 289 -12.85 -29.31 8.61
C ALA B 289 -12.92 -27.92 9.24
N SER B 290 -11.83 -27.21 9.16
CA SER B 290 -11.75 -25.82 9.59
C SER B 290 -11.95 -24.90 8.39
N PRO B 291 -12.71 -23.81 8.55
CA PRO B 291 -12.85 -22.84 7.47
C PRO B 291 -11.68 -21.89 7.32
N TYR B 292 -10.61 -22.06 8.07
CA TYR B 292 -9.51 -21.09 8.10
C TYR B 292 -8.34 -21.51 7.23
N LEU B 293 -8.52 -22.54 6.42
CA LEU B 293 -7.51 -23.08 5.52
C LEU B 293 -7.81 -22.68 4.09
N ARG B 294 -6.77 -22.67 3.26
CA ARG B 294 -6.95 -22.63 1.81
C ARG B 294 -7.09 -24.07 1.31
N TYR B 295 -8.21 -24.38 0.67
CA TYR B 295 -8.45 -25.74 0.18
C TYR B 295 -8.14 -25.85 -1.30
N TYR B 296 -7.67 -27.04 -1.71
CA TYR B 296 -7.43 -27.34 -3.11
C TYR B 296 -8.35 -28.49 -3.49
N PHE B 297 -9.30 -28.20 -4.37
CA PHE B 297 -10.24 -29.23 -4.84
C PHE B 297 -9.55 -30.02 -5.92
N ARG B 298 -9.14 -31.26 -5.59
CA ARG B 298 -8.49 -32.19 -6.50
C ARG B 298 -7.23 -31.61 -7.12
N GLU B 299 -6.60 -30.64 -6.43
CA GLU B 299 -5.42 -29.94 -6.92
C GLU B 299 -5.70 -29.14 -8.18
N LEU B 300 -6.98 -28.90 -8.49
CA LEU B 300 -7.37 -28.25 -9.73
C LEU B 300 -7.78 -26.79 -9.55
N ILE B 301 -8.41 -26.45 -8.43
CA ILE B 301 -8.88 -25.09 -8.20
C ILE B 301 -8.84 -24.83 -6.70
N SER B 302 -8.58 -23.59 -6.33
CA SER B 302 -8.48 -23.20 -4.94
C SER B 302 -9.84 -22.76 -4.43
N VAL B 303 -10.18 -23.17 -3.21
CA VAL B 303 -11.49 -22.90 -2.65
C VAL B 303 -11.33 -22.42 -1.22
N PHE B 304 -11.95 -21.28 -0.89
CA PHE B 304 -12.09 -20.90 0.51
C PHE B 304 -13.54 -21.06 0.93
N PHE B 305 -13.76 -21.42 2.18
CA PHE B 305 -15.11 -21.51 2.74
C PHE B 305 -15.29 -20.35 3.70
N ARG B 306 -16.35 -19.56 3.49
CA ARG B 306 -16.51 -18.35 4.29
C ARG B 306 -16.86 -18.69 5.73
N ASP B 307 -16.51 -17.77 6.62
CA ASP B 307 -16.91 -17.87 8.02
C ASP B 307 -18.36 -17.45 8.06
N LYS B 308 -19.26 -18.43 8.15
CA LYS B 308 -20.69 -18.13 8.08
C LYS B 308 -21.13 -17.27 9.26
N THR B 309 -20.60 -17.54 10.45
CA THR B 309 -21.02 -16.77 11.62
C THR B 309 -20.68 -15.29 11.45
N LEU B 310 -19.43 -15.00 11.10
CA LEU B 310 -19.02 -13.60 10.94
C LEU B 310 -19.79 -12.93 9.80
N SER B 311 -19.97 -13.64 8.69
CA SER B 311 -20.73 -13.09 7.56
C SER B 311 -22.17 -12.80 7.98
N ASP B 312 -22.81 -13.74 8.69
CA ASP B 312 -24.19 -13.52 9.12
C ASP B 312 -24.31 -12.43 10.17
N LEU B 313 -23.29 -12.25 11.02
CA LEU B 313 -23.36 -11.17 11.99
C LEU B 313 -23.52 -9.82 11.30
N ILE B 314 -22.76 -9.56 10.23
CA ILE B 314 -22.89 -8.28 9.55
C ILE B 314 -24.20 -8.22 8.77
N GLY B 315 -24.53 -9.29 8.07
CA GLY B 315 -25.66 -9.23 7.15
C GLY B 315 -26.99 -9.33 7.84
N PHE B 316 -27.04 -9.95 9.01
CA PHE B 316 -28.30 -10.25 9.70
C PHE B 316 -28.40 -9.68 11.11
N SER B 317 -27.30 -9.55 11.85
CA SER B 317 -27.35 -9.29 13.29
C SER B 317 -27.14 -7.83 13.66
N TYR B 318 -26.07 -7.22 13.16
CA TYR B 318 -25.58 -5.99 13.79
C TYR B 318 -26.47 -4.79 13.52
N HIS B 319 -27.42 -4.87 12.60
CA HIS B 319 -28.40 -3.79 12.49
C HIS B 319 -29.11 -3.56 13.81
N ALA B 320 -29.26 -4.61 14.62
CA ALA B 320 -29.96 -4.51 15.90
C ALA B 320 -29.03 -4.18 17.06
N TRP B 321 -27.77 -3.88 16.78
CA TRP B 321 -26.77 -3.61 17.78
C TRP B 321 -26.35 -2.15 17.72
N ASN B 322 -25.94 -1.62 18.86
CA ASN B 322 -25.17 -0.39 18.86
C ASN B 322 -23.86 -0.62 18.11
N ALA B 323 -23.40 0.41 17.37
CA ALA B 323 -22.27 0.21 16.47
C ALA B 323 -20.98 -0.14 17.22
N GLU B 324 -20.70 0.56 18.33
CA GLU B 324 -19.53 0.26 19.13
C GLU B 324 -19.58 -1.18 19.65
N ASP B 325 -20.76 -1.60 20.11
CA ASP B 325 -20.91 -2.95 20.64
C ASP B 325 -20.74 -4.00 19.55
N ALA B 326 -21.24 -3.68 18.35
CA ALA B 326 -21.11 -4.63 17.24
C ALA B 326 -19.64 -4.81 16.84
N VAL B 327 -18.91 -3.71 16.70
CA VAL B 327 -17.50 -3.79 16.35
C VAL B 327 -16.71 -4.51 17.44
N ARG B 328 -17.03 -4.24 18.71
CA ARG B 328 -16.36 -4.94 19.81
C ARG B 328 -16.62 -6.45 19.74
N ASP B 329 -17.86 -6.83 19.44
CA ASP B 329 -18.18 -8.25 19.29
C ASP B 329 -17.37 -8.87 18.16
N PHE B 330 -17.36 -8.20 17.00
CA PHE B 330 -16.71 -8.74 15.81
C PHE B 330 -15.21 -8.92 16.02
N ILE B 331 -14.53 -7.89 16.55
CA ILE B 331 -13.10 -7.98 16.84
C ILE B 331 -12.84 -9.06 17.88
N GLY B 332 -13.68 -9.13 18.91
CA GLY B 332 -13.51 -10.16 19.92
C GLY B 332 -13.59 -11.57 19.35
N ARG B 333 -14.43 -11.77 18.34
CA ARG B 333 -14.51 -13.07 17.70
C ARG B 333 -13.25 -13.34 16.86
N LEU B 334 -12.72 -12.32 16.20
CA LEU B 334 -11.47 -12.49 15.47
C LEU B 334 -10.33 -12.80 16.44
N LYS B 335 -10.33 -12.15 17.61
CA LYS B 335 -9.30 -12.45 18.61
C LYS B 335 -9.37 -13.90 19.05
N LYS B 336 -10.57 -14.45 19.21
CA LYS B 336 -10.70 -15.83 19.63
C LYS B 336 -10.24 -16.80 18.54
N ILE B 337 -10.58 -16.51 17.28
CA ILE B 337 -10.03 -17.28 16.17
C ILE B 337 -8.50 -17.25 16.20
N HIS B 338 -7.93 -16.05 16.32
CA HIS B 338 -6.49 -15.86 16.25
C HIS B 338 -5.77 -16.65 17.35
N GLU B 339 -6.33 -16.68 18.55
CA GLU B 339 -5.66 -17.38 19.64
C GLU B 339 -6.00 -18.87 19.69
N SER B 340 -6.92 -19.35 18.86
CA SER B 340 -7.34 -20.73 18.90
C SER B 340 -6.53 -21.64 17.99
N VAL B 341 -5.74 -21.10 17.08
CA VAL B 341 -4.98 -21.92 16.14
C VAL B 341 -3.51 -21.55 16.26
N ASP B 342 -2.64 -22.50 15.91
CA ASP B 342 -1.21 -22.26 15.95
C ASP B 342 -0.65 -21.79 14.61
N PHE B 343 -1.49 -21.70 13.57
CA PHE B 343 -1.11 -21.20 12.25
C PHE B 343 -1.80 -19.87 12.01
N GLN B 344 -1.55 -19.27 10.85
CA GLN B 344 -2.19 -18.01 10.50
C GLN B 344 -3.51 -18.30 9.78
N PRO B 345 -4.66 -18.08 10.44
CA PRO B 345 -5.94 -18.41 9.81
C PRO B 345 -6.33 -17.41 8.75
N VAL B 346 -7.03 -17.91 7.72
CA VAL B 346 -7.63 -17.07 6.68
C VAL B 346 -9.12 -17.05 6.91
N VAL B 347 -9.66 -15.85 7.15
CA VAL B 347 -11.05 -15.69 7.53
C VAL B 347 -11.77 -14.94 6.42
N PHE B 348 -12.62 -15.66 5.68
CA PHE B 348 -13.38 -15.07 4.58
C PHE B 348 -14.72 -14.60 5.11
N VAL B 349 -15.01 -13.33 4.90
CA VAL B 349 -16.30 -12.74 5.24
C VAL B 349 -16.96 -12.37 3.92
N VAL B 350 -18.00 -13.11 3.54
CA VAL B 350 -18.59 -13.01 2.21
C VAL B 350 -20.10 -12.83 2.37
N LEU B 351 -20.64 -11.79 1.78
CA LEU B 351 -22.08 -11.56 1.86
C LEU B 351 -22.45 -10.48 0.85
N ASN B 352 -23.75 -10.31 0.64
CA ASN B 352 -24.17 -9.21 -0.22
C ASN B 352 -23.67 -7.89 0.34
N GLY B 353 -23.23 -7.01 -0.54
CA GLY B 353 -22.68 -5.75 -0.10
C GLY B 353 -23.63 -4.57 -0.17
N GLU B 354 -24.89 -4.79 -0.54
CA GLU B 354 -25.80 -3.65 -0.75
C GLU B 354 -27.14 -3.74 -0.02
N ASN B 355 -27.51 -4.90 0.54
CA ASN B 355 -28.88 -5.10 1.04
C ASN B 355 -29.06 -4.86 2.52
N CYS B 356 -28.00 -4.98 3.33
CA CYS B 356 -28.18 -4.94 4.77
C CYS B 356 -28.15 -3.54 5.35
N TRP B 357 -27.54 -2.57 4.66
CA TRP B 357 -27.29 -1.26 5.27
C TRP B 357 -28.56 -0.46 5.48
N GLU B 358 -29.59 -0.67 4.65
CA GLU B 358 -30.83 0.08 4.80
C GLU B 358 -31.52 -0.23 6.12
N TYR B 359 -31.14 -1.33 6.76
CA TYR B 359 -31.69 -1.68 8.06
C TYR B 359 -30.82 -1.21 9.22
N TYR B 360 -29.61 -0.73 8.94
CA TYR B 360 -28.76 -0.18 9.98
C TYR B 360 -29.11 1.28 10.22
N GLU B 361 -28.90 1.71 11.46
CA GLU B 361 -28.98 3.13 11.75
C GLU B 361 -28.00 3.89 10.86
N GLU B 362 -28.46 4.99 10.28
CA GLU B 362 -27.65 5.84 9.40
C GLU B 362 -26.98 5.06 8.27
N ASN B 363 -27.72 4.10 7.70
CA ASN B 363 -27.28 3.41 6.48
C ASN B 363 -25.95 2.69 6.69
N GLY B 364 -25.67 2.26 7.93
CA GLY B 364 -24.49 1.48 8.22
C GLY B 364 -23.19 2.26 8.32
N ILE B 365 -23.24 3.57 8.16
CA ILE B 365 -22.01 4.35 8.11
C ILE B 365 -21.31 4.35 9.46
N PRO B 366 -22.00 4.58 10.59
CA PRO B 366 -21.31 4.42 11.89
C PRO B 366 -20.67 3.06 12.06
N PHE B 367 -21.37 1.99 11.70
CA PHE B 367 -20.81 0.66 11.88
C PHE B 367 -19.56 0.48 11.01
N LEU B 368 -19.68 0.73 9.71
CA LEU B 368 -18.55 0.48 8.82
C LEU B 368 -17.38 1.42 9.11
N GLU B 369 -17.64 2.70 9.38
CA GLU B 369 -16.53 3.59 9.70
C GLU B 369 -15.82 3.15 10.97
N LYS B 370 -16.57 2.66 11.95
CA LYS B 370 -15.94 2.18 13.18
C LYS B 370 -15.24 0.85 12.94
N LEU B 371 -15.85 -0.04 12.18
CA LEU B 371 -15.23 -1.35 11.90
C LEU B 371 -13.92 -1.17 11.15
N TYR B 372 -13.95 -0.41 10.05
CA TYR B 372 -12.76 -0.22 9.23
C TYR B 372 -11.67 0.54 9.98
N SER B 373 -12.06 1.58 10.74
CA SER B 373 -11.07 2.32 11.52
C SER B 373 -10.42 1.44 12.57
N THR B 374 -11.22 0.61 13.25
CA THR B 374 -10.66 -0.31 14.22
C THR B 374 -9.76 -1.35 13.57
N LEU B 375 -10.20 -1.93 12.44
CA LEU B 375 -9.43 -2.97 11.77
C LEU B 375 -8.07 -2.46 11.32
N GLU B 376 -8.01 -1.26 10.76
CA GLU B 376 -6.71 -0.79 10.33
C GLU B 376 -5.76 -0.50 11.49
N LYS B 377 -6.24 -0.51 12.73
CA LYS B 377 -5.37 -0.31 13.89
C LYS B 377 -4.86 -1.58 14.52
N GLU B 378 -5.42 -2.74 14.20
CA GLU B 378 -5.03 -3.99 14.84
C GLU B 378 -3.85 -4.58 14.11
N GLU B 379 -2.68 -4.59 14.77
CA GLU B 379 -1.46 -5.04 14.14
C GLU B 379 -1.49 -6.52 13.80
N TRP B 380 -2.33 -7.28 14.49
CA TRP B 380 -2.40 -8.72 14.36
C TRP B 380 -3.41 -9.16 13.31
N ILE B 381 -4.12 -8.21 12.69
CA ILE B 381 -5.00 -8.49 11.56
C ILE B 381 -4.41 -7.88 10.30
N GLU B 382 -4.34 -8.68 9.24
CA GLU B 382 -3.99 -8.17 7.92
C GLU B 382 -5.13 -8.45 6.96
N THR B 383 -5.76 -7.40 6.43
CA THR B 383 -6.79 -7.59 5.41
C THR B 383 -6.09 -7.85 4.07
N LEU B 384 -6.66 -8.75 3.27
CA LEU B 384 -6.03 -9.20 2.03
C LEU B 384 -6.94 -8.96 0.85
N THR B 385 -6.34 -8.78 -0.33
CA THR B 385 -7.09 -8.89 -1.58
C THR B 385 -7.29 -10.38 -1.91
N LEU B 386 -8.19 -10.65 -2.86
CA LEU B 386 -8.38 -12.05 -3.27
C LEU B 386 -7.09 -12.62 -3.86
N GLU B 387 -6.34 -11.82 -4.64
CA GLU B 387 -5.09 -12.31 -5.19
C GLU B 387 -4.13 -12.73 -4.09
N GLU B 388 -4.02 -11.92 -3.05
CA GLU B 388 -3.13 -12.23 -1.93
C GLU B 388 -3.58 -13.48 -1.19
N ALA B 389 -4.87 -13.60 -0.94
CA ALA B 389 -5.37 -14.79 -0.26
C ALA B 389 -5.09 -16.03 -1.08
N MET B 390 -5.24 -15.92 -2.40
CA MET B 390 -5.05 -17.06 -3.28
C MET B 390 -3.61 -17.54 -3.26
N ARG B 391 -2.65 -16.64 -3.08
CA ARG B 391 -1.26 -16.99 -3.30
C ARG B 391 -0.37 -16.90 -2.08
N LYS B 392 -0.88 -16.43 -0.95
CA LYS B 392 -0.02 -16.29 0.22
C LYS B 392 0.51 -17.65 0.65
N GLU B 393 1.81 -17.73 0.88
CA GLU B 393 2.42 -19.02 1.16
C GLU B 393 2.33 -19.42 2.63
N ASP B 394 2.32 -18.46 3.54
CA ASP B 394 2.35 -18.76 4.97
C ASP B 394 0.95 -19.00 5.53
N VAL B 395 0.20 -19.90 4.89
CA VAL B 395 -1.13 -20.28 5.32
C VAL B 395 -1.21 -21.80 5.33
N LYS B 396 -2.22 -22.33 6.03
CA LYS B 396 -2.40 -23.77 6.12
C LYS B 396 -3.37 -24.21 5.03
N THR B 397 -3.08 -25.36 4.42
CA THR B 397 -3.82 -25.81 3.25
C THR B 397 -4.25 -27.27 3.41
N GLU B 398 -5.23 -27.65 2.61
CA GLU B 398 -5.76 -29.00 2.61
C GLU B 398 -6.28 -29.36 1.22
N VAL B 399 -6.01 -30.58 0.80
CA VAL B 399 -6.59 -31.10 -0.44
C VAL B 399 -7.89 -31.80 -0.09
N ILE B 400 -8.96 -31.49 -0.83
CA ILE B 400 -10.20 -32.23 -0.69
C ILE B 400 -10.62 -32.79 -2.04
N GLU B 401 -11.35 -33.91 -2.02
CA GLU B 401 -11.65 -34.66 -3.22
C GLU B 401 -13.11 -34.58 -3.64
N SER B 402 -14.00 -34.09 -2.80
CA SER B 402 -15.42 -34.17 -3.13
C SER B 402 -16.20 -33.22 -2.24
N VAL B 403 -17.24 -32.60 -2.81
CA VAL B 403 -18.16 -31.81 -2.01
C VAL B 403 -19.57 -32.34 -2.22
N LYS B 404 -20.40 -32.13 -1.21
CA LYS B 404 -21.83 -32.38 -1.32
C LYS B 404 -22.49 -31.13 -1.88
N ALA B 405 -23.18 -31.27 -3.02
CA ALA B 405 -23.74 -30.11 -3.70
C ALA B 405 -24.70 -29.35 -2.79
N GLY B 406 -24.65 -28.03 -2.88
CA GLY B 406 -25.50 -27.22 -2.02
C GLY B 406 -25.34 -25.74 -2.33
N THR B 407 -25.92 -24.93 -1.45
CA THR B 407 -25.84 -23.47 -1.49
C THR B 407 -25.65 -22.98 -0.06
N TRP B 408 -25.53 -21.68 0.10
CA TRP B 408 -25.42 -21.14 1.45
C TRP B 408 -26.77 -21.06 2.16
N PHE B 409 -27.84 -21.54 1.54
CA PHE B 409 -29.10 -21.75 2.28
C PHE B 409 -29.08 -23.18 2.78
N ASP B 410 -28.68 -23.37 4.05
CA ASP B 410 -28.73 -24.68 4.72
C ASP B 410 -27.98 -25.77 3.97
N GLY B 411 -27.07 -25.41 3.06
CA GLY B 411 -26.38 -26.41 2.27
C GLY B 411 -27.22 -27.16 1.28
N ASN B 412 -28.42 -26.68 0.94
CA ASN B 412 -29.28 -27.38 0.01
C ASN B 412 -29.88 -26.40 -0.98
N PHE B 413 -30.76 -26.90 -1.86
CA PHE B 413 -31.33 -26.11 -2.94
C PHE B 413 -32.80 -25.78 -2.72
N LEU B 414 -33.34 -25.99 -1.52
CA LEU B 414 -34.78 -25.88 -1.28
C LEU B 414 -35.31 -24.45 -1.35
N LYS B 415 -34.46 -23.44 -1.36
CA LYS B 415 -34.98 -22.09 -1.55
C LYS B 415 -35.39 -21.84 -3.00
N TRP B 416 -34.98 -22.68 -3.95
CA TRP B 416 -35.27 -22.41 -5.36
C TRP B 416 -35.98 -23.52 -6.09
N ILE B 417 -36.15 -24.70 -5.48
CA ILE B 417 -36.75 -25.85 -6.14
C ILE B 417 -37.31 -26.76 -5.06
N GLY B 418 -38.25 -27.61 -5.43
CA GLY B 418 -38.72 -28.67 -4.56
C GLY B 418 -40.11 -28.49 -3.98
N ASN B 419 -40.66 -27.28 -4.01
CA ASN B 419 -42.06 -27.09 -3.62
C ASN B 419 -42.91 -27.00 -4.87
N LYS B 420 -44.23 -26.97 -4.68
CA LYS B 420 -45.11 -26.97 -5.84
C LYS B 420 -44.92 -25.71 -6.68
N GLU B 421 -44.88 -24.54 -6.05
CA GLU B 421 -44.88 -23.31 -6.82
C GLU B 421 -43.53 -23.08 -7.50
N LYS B 422 -42.43 -23.37 -6.79
CA LYS B 422 -41.12 -23.21 -7.41
C LYS B 422 -40.94 -24.19 -8.57
N ASN B 423 -41.44 -25.42 -8.42
CA ASN B 423 -41.29 -26.40 -9.49
C ASN B 423 -42.01 -25.97 -10.76
N GLU B 424 -43.15 -25.28 -10.64
CA GLU B 424 -43.85 -24.89 -11.86
C GLU B 424 -43.06 -23.85 -12.65
N TYR B 425 -42.32 -22.97 -11.97
CA TYR B 425 -41.49 -22.03 -12.73
C TYR B 425 -40.32 -22.75 -13.41
N TRP B 426 -39.75 -23.77 -12.76
CA TRP B 426 -38.78 -24.61 -13.48
C TRP B 426 -39.44 -25.30 -14.66
N LYS B 427 -40.65 -25.81 -14.47
CA LYS B 427 -41.40 -26.41 -15.57
C LYS B 427 -41.53 -25.42 -16.72
N ILE B 428 -41.89 -24.18 -16.40
CA ILE B 428 -41.98 -23.14 -17.41
C ILE B 428 -40.65 -22.96 -18.13
N LEU B 429 -39.55 -22.97 -17.37
CA LEU B 429 -38.24 -22.75 -17.96
C LEU B 429 -37.84 -23.93 -18.85
N ILE B 430 -38.07 -25.16 -18.37
CA ILE B 430 -37.72 -26.34 -19.15
C ILE B 430 -38.50 -26.35 -20.46
N GLU B 431 -39.80 -26.06 -20.39
CA GLU B 431 -40.62 -26.11 -21.59
C GLU B 431 -40.19 -25.03 -22.59
N ALA B 432 -39.80 -23.86 -22.10
CA ALA B 432 -39.32 -22.80 -22.99
C ALA B 432 -37.94 -23.12 -23.57
N LYS B 433 -37.08 -23.77 -22.79
CA LYS B 433 -35.76 -24.14 -23.29
C LYS B 433 -35.84 -25.02 -24.52
N LYS B 434 -36.86 -25.87 -24.60
CA LYS B 434 -37.05 -26.70 -25.79
C LYS B 434 -37.29 -25.85 -27.04
N LYS B 435 -37.79 -24.63 -26.88
CA LYS B 435 -38.16 -23.76 -27.98
C LYS B 435 -37.29 -22.49 -28.07
N ALA B 436 -36.21 -22.42 -27.30
CA ALA B 436 -35.48 -21.17 -27.14
C ALA B 436 -34.71 -20.81 -28.41
N LYS B 437 -34.65 -19.51 -28.73
CA LYS B 437 -34.00 -19.09 -29.96
C LYS B 437 -32.91 -18.05 -29.70
N ASN B 438 -32.69 -17.65 -28.45
CA ASN B 438 -31.77 -16.56 -28.17
C ASN B 438 -31.38 -16.61 -26.70
N ASP B 439 -30.46 -15.72 -26.32
CA ASP B 439 -29.89 -15.71 -24.98
C ASP B 439 -30.83 -15.18 -23.91
N TYR B 440 -32.07 -14.80 -24.24
CA TYR B 440 -32.99 -14.44 -23.18
C TYR B 440 -33.33 -15.65 -22.32
N ILE B 441 -33.10 -16.87 -22.82
CA ILE B 441 -33.27 -18.05 -22.00
C ILE B 441 -32.22 -18.08 -20.88
N LEU B 442 -31.05 -17.50 -21.10
CA LEU B 442 -30.07 -17.41 -20.03
C LEU B 442 -30.53 -16.43 -18.96
N VAL B 443 -31.20 -15.34 -19.37
CA VAL B 443 -31.71 -14.39 -18.40
C VAL B 443 -32.68 -15.08 -17.44
N ALA B 444 -33.54 -15.94 -18.00
CA ALA B 444 -34.57 -16.63 -17.23
C ALA B 444 -34.00 -17.73 -16.34
N GLU B 445 -32.72 -18.08 -16.49
CA GLU B 445 -32.09 -19.09 -15.65
C GLU B 445 -31.51 -18.51 -14.36
N GLY B 446 -31.61 -17.20 -14.17
CA GLY B 446 -31.07 -16.59 -12.97
C GLY B 446 -31.79 -17.06 -11.72
N SER B 447 -31.05 -17.12 -10.61
CA SER B 447 -31.64 -17.62 -9.37
C SER B 447 -32.75 -16.72 -8.85
N ASP B 448 -32.73 -15.44 -9.23
CA ASP B 448 -33.68 -14.47 -8.66
C ASP B 448 -35.13 -14.79 -8.99
N TRP B 449 -35.39 -15.56 -10.03
CA TRP B 449 -36.78 -15.80 -10.39
C TRP B 449 -37.41 -16.96 -9.62
N PHE B 450 -36.63 -17.67 -8.81
CA PHE B 450 -37.10 -18.89 -8.15
C PHE B 450 -37.14 -18.81 -6.63
N TRP B 451 -36.63 -17.74 -6.02
CA TRP B 451 -36.54 -17.73 -4.56
C TRP B 451 -37.83 -17.26 -3.88
N TRP B 452 -38.64 -16.45 -4.54
CA TRP B 452 -39.75 -15.80 -3.85
C TRP B 452 -41.03 -16.63 -3.81
N GLN B 453 -41.12 -17.67 -4.61
CA GLN B 453 -42.31 -18.48 -4.60
C GLN B 453 -42.40 -19.19 -3.26
N GLY B 454 -43.41 -18.84 -2.46
CA GLY B 454 -43.60 -19.47 -1.17
C GLY B 454 -43.16 -18.62 0.00
N GLU B 455 -42.50 -17.51 -0.30
CA GLU B 455 -42.10 -16.61 0.76
C GLU B 455 -43.17 -15.53 0.87
N LYS B 457 -45.05 -13.02 1.33
CA LYS B 457 -44.66 -11.82 2.05
C LYS B 457 -43.53 -10.99 1.44
N ALA B 458 -43.23 -11.23 0.17
CA ALA B 458 -42.15 -10.53 -0.53
C ALA B 458 -42.73 -9.46 -1.40
N PRO B 459 -42.09 -8.26 -1.43
CA PRO B 459 -42.69 -7.15 -2.19
C PRO B 459 -42.50 -7.31 -3.68
N PHE B 460 -43.56 -6.95 -4.43
CA PHE B 460 -43.54 -6.85 -5.89
C PHE B 460 -43.33 -8.20 -6.58
N VAL B 461 -43.85 -9.29 -6.00
CA VAL B 461 -43.67 -10.60 -6.63
C VAL B 461 -44.34 -10.64 -8.00
N GLU B 462 -45.46 -9.92 -8.17
CA GLU B 462 -46.10 -9.88 -9.48
C GLU B 462 -45.17 -9.30 -10.54
N VAL B 463 -44.26 -8.42 -10.13
CA VAL B 463 -43.31 -7.86 -11.08
C VAL B 463 -42.24 -8.88 -11.45
N PHE B 464 -41.69 -9.58 -10.44
CA PHE B 464 -40.74 -10.65 -10.72
C PHE B 464 -41.39 -11.72 -11.60
N ASP B 465 -42.68 -12.00 -11.38
CA ASP B 465 -43.36 -12.98 -12.22
C ASP B 465 -43.47 -12.48 -13.65
N LYS B 466 -43.87 -11.21 -13.82
CA LYS B 466 -43.98 -10.62 -15.15
C LYS B 466 -42.65 -10.64 -15.88
N LEU B 467 -41.58 -10.28 -15.19
CA LEU B 467 -40.27 -10.24 -15.83
C LEU B 467 -39.84 -11.64 -16.28
N PHE B 468 -39.88 -12.61 -15.37
CA PHE B 468 -39.48 -13.97 -15.71
C PHE B 468 -40.26 -14.48 -16.91
N ARG B 469 -41.58 -14.26 -16.91
CA ARG B 469 -42.39 -14.78 -17.98
C ARG B 469 -42.15 -14.01 -19.27
N SER B 470 -41.85 -12.72 -19.18
CA SER B 470 -41.51 -11.97 -20.39
C SER B 470 -40.19 -12.42 -20.98
N PHE B 471 -39.19 -12.69 -20.14
CA PHE B 471 -37.93 -13.23 -20.65
C PHE B 471 -38.13 -14.60 -21.29
N VAL B 472 -38.99 -15.42 -20.70
CA VAL B 472 -39.23 -16.77 -21.20
C VAL B 472 -39.92 -16.71 -22.56
N ARG B 473 -40.93 -15.86 -22.70
CA ARG B 473 -41.59 -15.79 -24.01
C ARG B 473 -40.68 -15.13 -25.04
N ARG B 474 -39.93 -14.09 -24.64
CA ARG B 474 -39.01 -13.46 -25.56
C ARG B 474 -37.92 -14.42 -26.03
N ALA B 475 -37.51 -15.35 -25.18
CA ALA B 475 -36.43 -16.28 -25.54
C ALA B 475 -36.80 -17.21 -26.69
N GLN B 476 -38.10 -17.44 -26.93
CA GLN B 476 -38.54 -18.28 -28.03
C GLN B 476 -39.02 -17.48 -29.24
N GLU B 477 -39.15 -16.16 -29.10
CA GLU B 477 -39.23 -15.26 -30.26
C GLU B 477 -37.82 -14.72 -30.52
#